data_9MG6
#
_entry.id   9MG6
#
_cell.length_a   113.779
_cell.length_b   201.170
_cell.length_c   160.532
_cell.angle_alpha   90.00
_cell.angle_beta   90.00
_cell.angle_gamma   90.00
#
_symmetry.space_group_name_H-M   'C 2 2 21'
#
loop_
_entity.id
_entity.type
_entity.pdbx_description
1 polymer 'mRNA cap guanine-N7 methyltransferase'
2 non-polymer SINEFUNGIN
3 non-polymer "GUANOSINE-5'-TRIPHOSPHATE"
4 non-polymer 1,2-ETHANEDIOL
5 non-polymer 'SULFATE ION'
6 water water
#
_entity_poly.entity_id   1
_entity_poly.type   'polypeptide(L)'
_entity_poly.pdbx_seq_one_letter_code
;SPIIKLRNFNNAIKYMLIDKYTRPGDVVLELGCGKGGDLRKYGAAGISQFIGIDISNASIQEAHKRYRSMRNLDYQVVLI
TGDCFGESLGVAVEPFPDCRFPCDIVSTQFCLHYAFETEEKARRALLNVAKSLKIGGHFFGTIPDSEFIRYKLNKFPKEV
EKPSWGNSIYRVTFENNSYQKNDYEFTSPYGQMYTYWLEDAIDNVPEYVVPFETLRSLADEYGLELVSQMPFNKFFVQEI
PKWIERYSPKMREGLQRSDGRYGVEGDEKEAASYFFTMFAFRKVKQYIEPESVKPN
;
_entity_poly.pdbx_strand_id   A,B,C
#
loop_
_chem_comp.id
_chem_comp.type
_chem_comp.name
_chem_comp.formula
EDO non-polymer 1,2-ETHANEDIOL 'C2 H6 O2'
GTP non-polymer GUANOSINE-5'-TRIPHOSPHATE 'C10 H16 N5 O14 P3'
SFG non-polymer SINEFUNGIN 'C15 H23 N7 O5'
SO4 non-polymer 'SULFATE ION' 'O4 S -2'
#
# COMPACT_ATOMS: atom_id res chain seq x y z
N SER A 1 -40.15 13.46 18.19
CA SER A 1 -39.15 14.27 18.92
C SER A 1 -38.11 14.86 17.96
N PRO A 2 -38.01 16.21 17.83
CA PRO A 2 -37.03 16.82 16.92
C PRO A 2 -35.56 16.48 17.23
N ILE A 3 -35.16 16.49 18.50
CA ILE A 3 -33.77 16.22 18.84
C ILE A 3 -33.38 14.78 18.47
N ILE A 4 -34.32 13.82 18.55
CA ILE A 4 -34.06 12.45 18.15
C ILE A 4 -33.77 12.40 16.65
N LYS A 5 -34.60 13.10 15.87
CA LYS A 5 -34.42 13.16 14.43
C LYS A 5 -33.02 13.71 14.11
N LEU A 6 -32.57 14.70 14.88
CA LEU A 6 -31.27 15.31 14.66
C LEU A 6 -30.17 14.30 14.96
N ARG A 7 -30.31 13.54 16.06
CA ARG A 7 -29.30 12.56 16.41
C ARG A 7 -29.21 11.50 15.32
N ASN A 8 -30.37 11.01 14.85
CA ASN A 8 -30.42 10.02 13.79
C ASN A 8 -29.69 10.53 12.56
N PHE A 9 -30.00 11.78 12.16
CA PHE A 9 -29.46 12.36 10.96
C PHE A 9 -27.93 12.49 11.07
N ASN A 10 -27.45 12.96 12.23
CA ASN A 10 -26.03 13.18 12.38
C ASN A 10 -25.27 11.85 12.40
N ASN A 11 -25.91 10.77 12.89
CA ASN A 11 -25.27 9.47 12.82
C ASN A 11 -25.24 8.97 11.38
N ALA A 12 -26.28 9.26 10.60
CA ALA A 12 -26.30 8.84 9.21
C ALA A 12 -25.17 9.54 8.45
N ILE A 13 -24.96 10.83 8.75
CA ILE A 13 -23.91 11.62 8.12
C ILE A 13 -22.55 10.98 8.42
N LYS A 14 -22.32 10.59 9.68
CA LYS A 14 -21.05 9.99 10.08
C LYS A 14 -20.79 8.67 9.35
N TYR A 15 -21.81 7.83 9.24
CA TYR A 15 -21.69 6.60 8.46
C TYR A 15 -21.29 6.94 7.02
N MET A 16 -22.00 7.89 6.41
CA MET A 16 -21.74 8.22 5.02
C MET A 16 -20.29 8.65 4.86
N LEU A 17 -19.79 9.40 5.85
CA LEU A 17 -18.46 9.99 5.78
C LEU A 17 -17.39 8.93 6.00
N ILE A 18 -17.54 8.13 7.05
CA ILE A 18 -16.57 7.11 7.41
C ILE A 18 -16.43 6.08 6.29
N ASP A 19 -17.55 5.59 5.75
CA ASP A 19 -17.51 4.46 4.83
C ASP A 19 -17.09 4.94 3.43
N LYS A 20 -17.02 6.25 3.21
CA LYS A 20 -16.54 6.78 1.95
C LYS A 20 -15.01 6.79 1.87
N TYR A 21 -14.31 7.08 3.00
CA TYR A 21 -12.88 7.28 2.98
C TYR A 21 -12.14 6.11 3.63
N THR A 22 -12.77 5.32 4.50
CA THR A 22 -12.08 4.28 5.25
C THR A 22 -12.13 2.95 4.49
N ARG A 23 -10.99 2.25 4.42
CA ARG A 23 -10.90 1.00 3.68
C ARG A 23 -10.57 -0.15 4.61
N PRO A 24 -10.86 -1.41 4.21
CA PRO A 24 -10.44 -2.58 4.97
C PRO A 24 -8.96 -2.54 5.35
N GLY A 25 -8.66 -2.89 6.61
CA GLY A 25 -7.30 -3.02 7.09
C GLY A 25 -6.70 -1.70 7.59
N ASP A 26 -7.47 -0.60 7.52
CA ASP A 26 -6.98 0.72 7.85
C ASP A 26 -6.72 0.82 9.35
N VAL A 27 -5.73 1.64 9.70
CA VAL A 27 -5.52 2.10 11.07
C VAL A 27 -6.17 3.48 11.20
N VAL A 28 -7.00 3.67 12.22
CA VAL A 28 -7.79 4.87 12.35
C VAL A 28 -7.43 5.60 13.65
N LEU A 29 -7.14 6.90 13.55
CA LEU A 29 -6.88 7.71 14.73
C LEU A 29 -8.05 8.67 14.91
N GLU A 30 -8.84 8.49 15.97
CA GLU A 30 -10.00 9.32 16.23
C GLU A 30 -9.64 10.30 17.33
N LEU A 31 -9.40 11.56 16.97
CA LEU A 31 -9.13 12.61 17.94
C LEU A 31 -10.44 13.12 18.52
N GLY A 32 -10.45 13.32 19.83
CA GLY A 32 -11.63 13.77 20.55
C GLY A 32 -12.77 12.76 20.41
N CYS A 33 -12.46 11.50 20.71
CA CYS A 33 -13.33 10.37 20.39
C CYS A 33 -14.53 10.27 21.33
N GLY A 34 -14.47 10.98 22.47
CA GLY A 34 -15.56 10.96 23.44
C GLY A 34 -15.77 9.57 24.00
N LYS A 35 -17.04 9.15 24.05
CA LYS A 35 -17.46 7.91 24.69
C LYS A 35 -17.70 6.82 23.64
N GLY A 36 -16.87 6.80 22.59
CA GLY A 36 -16.82 5.68 21.65
C GLY A 36 -18.10 5.57 20.79
N GLY A 37 -18.67 6.71 20.42
CA GLY A 37 -19.93 6.74 19.70
C GLY A 37 -19.83 6.17 18.28
N ASP A 38 -18.61 6.02 17.74
CA ASP A 38 -18.44 5.73 16.32
C ASP A 38 -17.80 4.36 16.08
N LEU A 39 -17.72 3.50 17.10
CA LEU A 39 -17.04 2.21 16.98
C LEU A 39 -17.76 1.30 15.98
N ARG A 40 -19.09 1.18 16.09
CA ARG A 40 -19.85 0.32 15.18
C ARG A 40 -19.58 0.71 13.73
N LYS A 41 -19.37 2.01 13.47
CA LYS A 41 -19.25 2.52 12.11
C LYS A 41 -17.95 2.05 11.46
N TYR A 42 -16.87 2.03 12.24
CA TYR A 42 -15.59 1.56 11.74
C TYR A 42 -15.60 0.05 11.54
N GLY A 43 -16.44 -0.68 12.28
CA GLY A 43 -16.60 -2.12 12.10
C GLY A 43 -17.04 -2.47 10.67
N ALA A 44 -18.07 -1.77 10.19
CA ALA A 44 -18.60 -1.99 8.85
C ALA A 44 -17.52 -1.78 7.80
N ALA A 45 -16.59 -0.86 8.08
CA ALA A 45 -15.53 -0.50 7.15
C ALA A 45 -14.43 -1.56 7.10
N GLY A 46 -14.31 -2.38 8.16
CA GLY A 46 -13.39 -3.52 8.22
C GLY A 46 -11.96 -3.13 8.64
N ILE A 47 -11.82 -2.19 9.57
CA ILE A 47 -10.52 -1.65 9.94
C ILE A 47 -9.75 -2.68 10.76
N SER A 48 -8.46 -2.40 10.99
CA SER A 48 -7.58 -3.25 11.78
C SER A 48 -7.37 -2.70 13.19
N GLN A 49 -7.17 -1.38 13.32
CA GLN A 49 -6.89 -0.80 14.60
C GLN A 49 -7.57 0.56 14.72
N PHE A 50 -8.15 0.81 15.90
CA PHE A 50 -8.76 2.08 16.23
C PHE A 50 -8.04 2.69 17.43
N ILE A 51 -7.58 3.93 17.28
CA ILE A 51 -6.88 4.62 18.34
C ILE A 51 -7.69 5.85 18.72
N GLY A 52 -8.28 5.83 19.92
CA GLY A 52 -9.10 6.93 20.36
C GLY A 52 -8.37 7.78 21.40
N ILE A 53 -8.39 9.10 21.23
CA ILE A 53 -7.80 9.98 22.22
C ILE A 53 -8.83 11.03 22.60
N ASP A 54 -8.96 11.27 23.91
CA ASP A 54 -9.86 12.29 24.43
C ASP A 54 -9.25 12.90 25.68
N ILE A 55 -9.55 14.18 25.94
CA ILE A 55 -8.95 14.87 27.06
C ILE A 55 -9.62 14.46 28.37
N SER A 56 -10.88 13.98 28.28
CA SER A 56 -11.69 13.63 29.44
C SER A 56 -11.48 12.17 29.85
N ASN A 57 -10.89 11.97 31.04
CA ASN A 57 -10.67 10.65 31.59
C ASN A 57 -12.01 9.94 31.80
N ALA A 58 -13.04 10.70 32.20
CA ALA A 58 -14.37 10.15 32.44
C ALA A 58 -14.90 9.47 31.18
N SER A 59 -14.78 10.18 30.04
CA SER A 59 -15.28 9.71 28.76
C SER A 59 -14.53 8.46 28.28
N ILE A 60 -13.21 8.42 28.49
CA ILE A 60 -12.41 7.29 28.06
C ILE A 60 -12.77 6.04 28.86
N GLN A 61 -13.06 6.18 30.17
CA GLN A 61 -13.44 5.02 30.96
C GLN A 61 -14.78 4.48 30.46
N GLU A 62 -15.69 5.37 30.12
CA GLU A 62 -16.99 4.92 29.60
C GLU A 62 -16.76 4.28 28.24
N ALA A 63 -15.69 4.70 27.58
CA ALA A 63 -15.37 4.12 26.25
C ALA A 63 -14.82 2.72 26.46
N HIS A 64 -13.85 2.57 27.37
CA HIS A 64 -13.32 1.24 27.69
C HIS A 64 -14.48 0.36 28.09
N LYS A 65 -15.04 0.64 29.26
CA LYS A 65 -16.21 -0.12 29.74
C LYS A 65 -17.38 0.17 28.79
N ARG A 66 -17.40 -0.46 27.63
CA ARG A 66 -18.52 -0.31 26.65
C ARG A 66 -18.06 -1.02 25.39
N TYR A 67 -16.75 -1.00 25.14
CA TYR A 67 -16.20 -1.73 23.98
C TYR A 67 -16.45 -3.19 24.26
N ARG A 68 -16.17 -3.59 25.52
CA ARG A 68 -16.43 -4.99 25.93
C ARG A 68 -17.88 -5.37 25.65
N SER A 69 -18.80 -4.42 25.78
CA SER A 69 -20.25 -4.74 25.64
C SER A 69 -20.70 -4.61 24.19
N MET A 70 -20.01 -5.24 23.25
CA MET A 70 -20.45 -5.22 21.83
C MET A 70 -19.95 -6.48 21.13
N ARG A 71 -20.65 -6.91 20.09
CA ARG A 71 -20.21 -8.07 19.33
C ARG A 71 -19.40 -7.63 18.10
N ASN A 72 -18.87 -8.58 17.32
CA ASN A 72 -18.14 -8.31 16.09
C ASN A 72 -17.02 -7.28 16.32
N LEU A 73 -16.14 -7.57 17.28
CA LEU A 73 -14.93 -6.80 17.52
C LEU A 73 -13.75 -7.50 16.86
N ASP A 74 -13.57 -7.25 15.56
CA ASP A 74 -12.48 -7.82 14.78
C ASP A 74 -11.29 -6.88 14.76
N TYR A 75 -11.30 -5.80 15.55
CA TYR A 75 -10.20 -4.85 15.47
C TYR A 75 -9.69 -4.52 16.86
N GLN A 76 -8.40 -4.17 16.90
CA GLN A 76 -7.71 -3.80 18.13
C GLN A 76 -8.16 -2.39 18.51
N VAL A 77 -8.33 -2.14 19.80
CA VAL A 77 -8.73 -0.81 20.26
C VAL A 77 -7.72 -0.28 21.26
N VAL A 78 -7.30 0.97 21.07
CA VAL A 78 -6.43 1.66 22.01
C VAL A 78 -7.12 2.96 22.36
N LEU A 79 -7.38 3.16 23.65
CA LEU A 79 -8.04 4.37 24.13
C LEU A 79 -7.09 5.10 25.07
N ILE A 80 -6.97 6.41 24.87
CA ILE A 80 -5.94 7.20 25.52
C ILE A 80 -6.52 8.51 26.01
N THR A 81 -6.19 8.86 27.25
CA THR A 81 -6.46 10.20 27.77
C THR A 81 -5.31 11.09 27.37
N GLY A 82 -5.64 12.20 26.69
CA GLY A 82 -4.61 13.11 26.22
C GLY A 82 -5.21 14.34 25.57
N ASP A 83 -4.36 15.35 25.40
CA ASP A 83 -4.72 16.60 24.75
C ASP A 83 -4.12 16.59 23.35
N CYS A 84 -5.00 16.54 22.33
CA CYS A 84 -4.59 16.41 20.94
C CYS A 84 -4.33 17.75 20.28
N PHE A 85 -4.66 18.85 20.97
CA PHE A 85 -4.60 20.19 20.38
C PHE A 85 -3.57 21.03 21.12
N GLY A 86 -3.55 20.96 22.45
CA GLY A 86 -2.64 21.77 23.26
C GLY A 86 -1.22 21.21 23.32
N GLU A 87 -1.07 19.89 23.11
CA GLU A 87 0.20 19.20 23.27
C GLU A 87 0.55 18.41 22.02
N SER A 88 1.85 18.10 21.88
CA SER A 88 2.34 17.18 20.87
C SER A 88 1.67 15.83 21.07
N LEU A 89 1.39 15.11 19.98
CA LEU A 89 0.65 13.87 20.08
C LEU A 89 1.55 12.74 20.56
N GLY A 90 2.87 12.89 20.41
CA GLY A 90 3.85 11.89 20.83
C GLY A 90 3.89 11.72 22.35
N VAL A 91 3.50 12.77 23.08
CA VAL A 91 3.37 12.72 24.53
C VAL A 91 2.32 11.67 24.88
N ALA A 92 1.15 11.77 24.23
CA ALA A 92 0.00 10.95 24.53
C ALA A 92 0.21 9.50 24.10
N VAL A 93 0.93 9.26 22.99
CA VAL A 93 0.95 7.94 22.38
C VAL A 93 2.22 7.16 22.75
N GLU A 94 3.25 7.80 23.31
CA GLU A 94 4.49 7.10 23.65
C GLU A 94 4.23 5.91 24.60
N PRO A 95 3.38 6.06 25.66
CA PRO A 95 3.06 4.94 26.54
C PRO A 95 2.31 3.78 25.89
N PHE A 96 1.98 3.90 24.60
CA PHE A 96 1.13 2.94 23.90
C PHE A 96 1.84 2.49 22.63
N PRO A 97 2.83 1.57 22.74
CA PRO A 97 3.59 1.10 21.58
C PRO A 97 2.78 0.27 20.56
N ASP A 98 1.64 -0.31 20.99
CA ASP A 98 0.75 -1.05 20.12
C ASP A 98 0.31 -0.22 18.91
N CYS A 99 0.07 1.08 19.12
CA CYS A 99 -0.35 1.99 18.06
C CYS A 99 0.53 1.84 16.83
N ARG A 100 -0.10 1.73 15.64
CA ARG A 100 0.59 1.51 14.39
C ARG A 100 0.58 2.78 13.54
N PHE A 101 1.48 3.71 13.86
CA PHE A 101 1.71 4.89 13.04
C PHE A 101 2.81 4.66 12.01
N PRO A 102 2.79 5.36 10.86
CA PRO A 102 1.73 6.29 10.49
C PRO A 102 0.46 5.56 10.06
N CYS A 103 -0.69 6.21 10.27
CA CYS A 103 -1.99 5.60 10.05
C CYS A 103 -2.62 6.08 8.74
N ASP A 104 -3.82 5.59 8.46
CA ASP A 104 -4.46 5.75 7.15
C ASP A 104 -5.54 6.82 7.18
N ILE A 105 -6.17 6.97 8.36
CA ILE A 105 -7.28 7.87 8.56
C ILE A 105 -7.09 8.61 9.87
N VAL A 106 -7.36 9.91 9.84
CA VAL A 106 -7.55 10.68 11.05
C VAL A 106 -8.94 11.30 11.00
N SER A 107 -9.71 11.12 12.07
CA SER A 107 -11.07 11.62 12.13
C SER A 107 -11.23 12.57 13.31
N THR A 108 -11.82 13.74 13.05
CA THR A 108 -12.26 14.64 14.11
C THR A 108 -13.75 14.93 13.92
N GLN A 109 -14.59 14.24 14.70
CA GLN A 109 -16.03 14.46 14.64
C GLN A 109 -16.44 15.43 15.75
N PHE A 110 -16.92 16.62 15.34
CA PHE A 110 -17.49 17.61 16.24
C PHE A 110 -16.51 17.99 17.35
N CYS A 111 -15.26 18.33 17.00
CA CYS A 111 -14.30 18.70 18.03
C CYS A 111 -13.21 19.66 17.56
N LEU A 112 -12.95 19.77 16.26
CA LEU A 112 -11.82 20.56 15.80
C LEU A 112 -12.00 22.03 16.12
N HIS A 113 -13.25 22.45 16.35
CA HIS A 113 -13.54 23.83 16.70
C HIS A 113 -13.03 24.20 18.10
N TYR A 114 -12.72 23.22 18.96
CA TYR A 114 -12.11 23.52 20.25
C TYR A 114 -10.64 23.94 20.06
N ALA A 115 -10.05 23.59 18.91
CA ALA A 115 -8.66 23.89 18.62
C ALA A 115 -8.46 25.31 18.11
N PHE A 116 -9.52 25.99 17.69
CA PHE A 116 -9.34 27.32 17.11
C PHE A 116 -9.38 28.40 18.19
N GLU A 117 -9.22 28.00 19.46
CA GLU A 117 -9.13 28.93 20.56
C GLU A 117 -7.96 29.90 20.34
N THR A 118 -6.84 29.41 19.83
CA THR A 118 -5.67 30.23 19.55
C THR A 118 -4.99 29.73 18.28
N GLU A 119 -4.13 30.56 17.69
CA GLU A 119 -3.36 30.16 16.53
C GLU A 119 -2.41 29.02 16.91
N GLU A 120 -1.82 29.09 18.11
CA GLU A 120 -0.87 28.08 18.57
C GLU A 120 -1.57 26.73 18.65
N LYS A 121 -2.78 26.69 19.21
CA LYS A 121 -3.52 25.45 19.38
C LYS A 121 -3.92 24.90 18.01
N ALA A 122 -4.35 25.75 17.09
CA ALA A 122 -4.81 25.30 15.78
C ALA A 122 -3.65 24.70 14.99
N ARG A 123 -2.47 25.29 15.11
CA ARG A 123 -1.32 24.83 14.30
C ARG A 123 -0.82 23.47 14.83
N ARG A 124 -0.81 23.27 16.13
CA ARG A 124 -0.35 22.00 16.73
C ARG A 124 -1.31 20.88 16.34
N ALA A 125 -2.59 21.13 16.49
CA ALA A 125 -3.62 20.16 16.09
C ALA A 125 -3.39 19.70 14.66
N LEU A 126 -3.13 20.63 13.75
CA LEU A 126 -3.01 20.26 12.35
C LEU A 126 -1.66 19.61 12.08
N LEU A 127 -0.62 20.07 12.75
CA LEU A 127 0.67 19.41 12.65
C LEU A 127 0.59 17.99 13.22
N ASN A 128 -0.18 17.82 14.31
CA ASN A 128 -0.46 16.50 14.87
C ASN A 128 -1.14 15.60 13.86
N VAL A 129 -2.11 16.14 13.12
CA VAL A 129 -2.82 15.35 12.14
C VAL A 129 -1.87 14.97 11.02
N ALA A 130 -1.13 15.94 10.51
CA ALA A 130 -0.22 15.72 9.39
C ALA A 130 0.88 14.73 9.74
N LYS A 131 1.49 14.90 10.91
CA LYS A 131 2.56 14.01 11.36
C LYS A 131 2.09 12.56 11.39
N SER A 132 0.80 12.33 11.70
CA SER A 132 0.25 11.00 11.95
C SER A 132 -0.02 10.18 10.69
N LEU A 133 -0.15 10.82 9.53
CA LEU A 133 -0.72 10.18 8.35
C LEU A 133 0.35 9.66 7.40
N LYS A 134 0.05 8.55 6.74
CA LYS A 134 0.79 8.17 5.55
C LYS A 134 0.48 9.19 4.48
N ILE A 135 1.39 9.33 3.52
CA ILE A 135 1.07 10.04 2.30
C ILE A 135 -0.01 9.22 1.61
N GLY A 136 -1.04 9.89 1.12
CA GLY A 136 -2.21 9.21 0.59
C GLY A 136 -3.29 9.02 1.64
N GLY A 137 -2.96 9.24 2.92
CA GLY A 137 -3.91 9.14 4.01
C GLY A 137 -4.91 10.31 3.99
N HIS A 138 -6.04 10.13 4.71
CA HIS A 138 -7.09 11.13 4.71
C HIS A 138 -7.35 11.62 6.13
N PHE A 139 -7.66 12.91 6.22
CA PHE A 139 -8.16 13.53 7.43
C PHE A 139 -9.56 14.03 7.15
N PHE A 140 -10.58 13.50 7.83
CA PHE A 140 -11.95 13.95 7.61
C PHE A 140 -12.62 14.28 8.93
N GLY A 141 -13.72 15.03 8.84
CA GLY A 141 -14.35 15.54 10.05
C GLY A 141 -15.62 16.34 9.80
N THR A 142 -16.20 16.79 10.91
CA THR A 142 -17.44 17.56 10.91
C THR A 142 -17.26 18.72 11.88
N ILE A 143 -17.56 19.92 11.39
CA ILE A 143 -17.47 21.14 12.19
C ILE A 143 -18.66 22.04 11.84
N PRO A 144 -18.95 23.03 12.69
CA PRO A 144 -19.90 24.07 12.29
C PRO A 144 -19.41 24.80 11.05
N ASP A 145 -20.34 25.09 10.14
CA ASP A 145 -20.03 25.73 8.89
C ASP A 145 -19.82 27.22 9.12
N SER A 146 -18.60 27.69 8.88
CA SER A 146 -18.31 29.10 9.02
C SER A 146 -19.15 29.93 8.05
N GLU A 147 -19.63 29.33 6.95
CA GLU A 147 -20.35 30.11 5.96
C GLU A 147 -21.79 30.35 6.39
N PHE A 148 -22.38 29.36 7.07
CA PHE A 148 -23.68 29.54 7.67
C PHE A 148 -23.59 30.55 8.81
N ILE A 149 -22.53 30.48 9.61
CA ILE A 149 -22.38 31.38 10.73
C ILE A 149 -22.21 32.82 10.24
N ARG A 150 -21.41 33.03 9.19
CA ARG A 150 -21.24 34.36 8.63
C ARG A 150 -22.56 34.88 8.08
N TYR A 151 -23.32 34.00 7.41
CA TYR A 151 -24.61 34.36 6.83
C TYR A 151 -25.53 34.95 7.90
N LYS A 152 -25.53 34.35 9.10
CA LYS A 152 -26.40 34.81 10.17
C LYS A 152 -25.84 36.09 10.81
N LEU A 153 -24.53 36.10 11.06
CA LEU A 153 -23.89 37.22 11.75
C LEU A 153 -24.08 38.50 10.96
N ASN A 154 -24.16 38.38 9.63
CA ASN A 154 -24.27 39.53 8.74
C ASN A 154 -25.62 40.23 8.87
N LYS A 155 -26.60 39.56 9.48
CA LYS A 155 -27.95 40.10 9.58
C LYS A 155 -28.14 40.99 10.82
N PHE A 156 -27.14 41.12 11.69
CA PHE A 156 -27.29 41.85 12.93
C PHE A 156 -26.80 43.28 12.76
N PRO A 157 -27.53 44.28 13.34
CA PRO A 157 -26.99 45.63 13.43
C PRO A 157 -25.84 45.73 14.42
N LYS A 158 -25.07 46.82 14.33
CA LYS A 158 -23.93 47.05 15.19
C LYS A 158 -24.35 47.22 16.65
N GLU A 159 -25.62 47.58 16.91
CA GLU A 159 -26.11 47.89 18.25
C GLU A 159 -26.10 46.67 19.18
N VAL A 160 -26.42 45.49 18.62
CA VAL A 160 -26.59 44.27 19.39
C VAL A 160 -25.25 43.83 19.96
N GLU A 161 -25.22 43.67 21.29
CA GLU A 161 -23.97 43.49 22.03
C GLU A 161 -23.49 42.04 21.91
N LYS A 162 -24.43 41.09 22.09
CA LYS A 162 -24.13 39.67 22.12
C LYS A 162 -25.05 38.94 21.14
N PRO A 163 -24.75 38.99 19.82
CA PRO A 163 -25.61 38.42 18.80
C PRO A 163 -25.95 36.95 19.04
N SER A 164 -27.22 36.62 18.87
CA SER A 164 -27.70 35.30 19.22
C SER A 164 -28.82 34.89 18.27
N TRP A 165 -28.83 33.61 17.90
CA TRP A 165 -29.94 33.07 17.13
C TRP A 165 -30.11 31.60 17.49
N GLY A 166 -31.27 31.03 17.13
CA GLY A 166 -31.54 29.62 17.40
C GLY A 166 -33.00 29.24 17.14
N ASN A 167 -33.37 28.08 17.66
CA ASN A 167 -34.73 27.59 17.60
C ASN A 167 -34.99 26.76 18.86
N SER A 168 -35.93 25.82 18.78
CA SER A 168 -36.36 25.11 19.97
C SER A 168 -35.29 24.15 20.48
N ILE A 169 -34.38 23.68 19.60
CA ILE A 169 -33.44 22.64 20.01
C ILE A 169 -31.99 23.13 20.02
N TYR A 170 -31.69 24.33 19.49
CA TYR A 170 -30.31 24.82 19.60
C TYR A 170 -30.29 26.34 19.68
N ARG A 171 -29.17 26.85 20.20
CA ARG A 171 -28.93 28.28 20.29
C ARG A 171 -27.44 28.58 20.33
N VAL A 172 -27.07 29.64 19.63
CA VAL A 172 -25.72 30.16 19.57
C VAL A 172 -25.75 31.58 20.12
N THR A 173 -24.78 31.94 20.98
CA THR A 173 -24.69 33.27 21.54
C THR A 173 -23.24 33.75 21.49
N PHE A 174 -22.97 34.82 20.73
CA PHE A 174 -21.62 35.31 20.59
C PHE A 174 -21.19 36.10 21.82
N GLU A 175 -19.91 35.99 22.17
CA GLU A 175 -19.32 36.69 23.28
C GLU A 175 -19.42 38.22 23.09
N ASN A 176 -19.03 38.71 21.91
CA ASN A 176 -19.05 40.13 21.66
C ASN A 176 -19.59 40.41 20.25
N ASN A 177 -19.52 41.68 19.83
CA ASN A 177 -19.99 42.08 18.52
C ASN A 177 -18.86 42.71 17.70
N SER A 178 -17.63 42.23 17.89
CA SER A 178 -16.49 42.79 17.18
C SER A 178 -16.61 42.54 15.67
N TYR A 179 -17.30 41.45 15.29
CA TYR A 179 -17.51 41.10 13.88
C TYR A 179 -18.27 42.21 13.18
N GLN A 180 -19.37 42.68 13.79
CA GLN A 180 -20.21 43.70 13.19
C GLN A 180 -19.48 45.04 13.20
N LYS A 181 -18.81 45.36 14.31
CA LYS A 181 -18.07 46.60 14.47
C LYS A 181 -16.85 46.64 13.54
N ASN A 182 -16.45 45.50 13.00
CA ASN A 182 -15.30 45.43 12.12
C ASN A 182 -15.76 45.24 10.67
N ASP A 183 -16.89 45.88 10.30
CA ASP A 183 -17.48 45.82 8.97
C ASP A 183 -17.71 44.37 8.50
N TYR A 184 -18.31 43.57 9.38
CA TYR A 184 -18.80 42.25 9.04
C TYR A 184 -17.67 41.32 8.61
N GLU A 185 -16.53 41.41 9.32
CA GLU A 185 -15.39 40.51 9.17
C GLU A 185 -14.84 40.21 10.57
N PHE A 186 -14.36 39.00 10.78
CA PHE A 186 -13.72 38.64 12.04
C PHE A 186 -12.43 39.44 12.17
N THR A 187 -12.05 39.81 13.40
CA THR A 187 -10.82 40.58 13.64
C THR A 187 -9.60 39.68 13.45
N SER A 188 -9.81 38.37 13.59
CA SER A 188 -8.76 37.37 13.62
C SER A 188 -9.41 36.02 13.29
N PRO A 189 -8.69 35.06 12.69
CA PRO A 189 -9.26 33.73 12.49
C PRO A 189 -9.53 32.98 13.79
N TYR A 190 -8.81 33.32 14.86
CA TYR A 190 -8.79 32.48 16.04
C TYR A 190 -9.48 33.20 17.19
N GLY A 191 -9.96 32.42 18.17
CA GLY A 191 -10.47 32.95 19.41
C GLY A 191 -11.87 33.54 19.28
N GLN A 192 -12.57 33.24 18.18
CA GLN A 192 -13.87 33.82 17.93
C GLN A 192 -14.95 32.99 18.63
N MET A 193 -15.25 33.35 19.87
CA MET A 193 -15.99 32.49 20.77
C MET A 193 -17.49 32.77 20.68
N TYR A 194 -18.27 31.68 20.76
CA TYR A 194 -19.70 31.71 20.96
C TYR A 194 -20.06 30.55 21.88
N THR A 195 -21.21 30.65 22.54
CA THR A 195 -21.71 29.64 23.45
C THR A 195 -22.72 28.80 22.69
N TYR A 196 -22.58 27.48 22.73
CA TYR A 196 -23.45 26.59 21.97
C TYR A 196 -24.37 25.83 22.94
N TRP A 197 -25.66 25.88 22.67
CA TRP A 197 -26.62 25.05 23.38
C TRP A 197 -27.30 24.11 22.39
N LEU A 198 -27.26 22.80 22.67
CA LEU A 198 -28.06 21.83 21.94
C LEU A 198 -28.82 20.97 22.93
N GLU A 199 -30.14 20.85 22.74
CA GLU A 199 -31.02 20.16 23.68
C GLU A 199 -30.44 18.79 24.04
N ASP A 200 -30.28 18.56 25.36
CA ASP A 200 -29.90 17.26 25.92
C ASP A 200 -28.52 16.78 25.47
N ALA A 201 -27.61 17.68 25.09
CA ALA A 201 -26.32 17.27 24.56
C ALA A 201 -25.20 18.18 25.05
N ILE A 202 -25.27 19.46 24.66
CA ILE A 202 -24.28 20.46 25.07
C ILE A 202 -25.00 21.51 25.90
N ASP A 203 -24.45 21.85 27.07
CA ASP A 203 -25.10 22.80 27.96
C ASP A 203 -24.30 24.11 28.03
N ASN A 204 -24.51 24.98 27.02
CA ASN A 204 -23.94 26.32 26.98
C ASN A 204 -22.41 26.29 27.13
N VAL A 205 -21.74 25.57 26.24
CA VAL A 205 -20.29 25.42 26.30
C VAL A 205 -19.61 26.29 25.25
N PRO A 206 -18.55 27.04 25.61
CA PRO A 206 -17.82 27.86 24.65
C PRO A 206 -17.14 27.07 23.52
N GLU A 207 -17.34 27.54 22.29
CA GLU A 207 -16.73 27.00 21.08
C GLU A 207 -16.11 28.13 20.27
N TYR A 208 -15.39 27.79 19.21
CA TYR A 208 -14.76 28.80 18.38
C TYR A 208 -15.12 28.59 16.91
N VAL A 209 -15.23 29.70 16.17
CA VAL A 209 -15.52 29.61 14.76
C VAL A 209 -14.29 29.03 14.07
N VAL A 210 -14.52 28.28 12.98
CA VAL A 210 -13.44 27.74 12.17
C VAL A 210 -13.59 28.34 10.77
N PRO A 211 -13.00 29.51 10.49
CA PRO A 211 -13.06 30.05 9.15
C PRO A 211 -12.43 29.04 8.19
N PHE A 212 -13.26 28.52 7.28
CA PHE A 212 -12.86 27.38 6.50
C PHE A 212 -11.65 27.75 5.65
N GLU A 213 -11.57 29.01 5.20
CA GLU A 213 -10.42 29.46 4.44
C GLU A 213 -9.14 29.33 5.26
N THR A 214 -9.21 29.54 6.58
CA THR A 214 -8.02 29.46 7.41
C THR A 214 -7.65 27.99 7.65
N LEU A 215 -8.65 27.14 7.89
CA LEU A 215 -8.40 25.72 8.06
C LEU A 215 -7.70 25.17 6.82
N ARG A 216 -8.17 25.59 5.64
CA ARG A 216 -7.68 25.06 4.39
C ARG A 216 -6.24 25.51 4.16
N SER A 217 -5.94 26.72 4.62
CA SER A 217 -4.66 27.36 4.37
C SER A 217 -3.62 26.80 5.34
N LEU A 218 -4.00 26.57 6.59
CA LEU A 218 -3.14 25.90 7.55
C LEU A 218 -2.88 24.46 7.10
N ALA A 219 -3.93 23.74 6.72
CA ALA A 219 -3.75 22.36 6.30
C ALA A 219 -2.74 22.26 5.16
N ASP A 220 -2.76 23.24 4.24
CA ASP A 220 -1.86 23.26 3.09
C ASP A 220 -0.41 23.42 3.54
N GLU A 221 -0.15 24.34 4.47
CA GLU A 221 1.19 24.54 5.03
C GLU A 221 1.77 23.21 5.52
N TYR A 222 0.92 22.32 6.05
CA TYR A 222 1.37 21.10 6.69
C TYR A 222 1.23 19.90 5.75
N GLY A 223 0.81 20.15 4.52
CA GLY A 223 0.91 19.13 3.48
C GLY A 223 -0.38 18.35 3.24
N LEU A 224 -1.52 18.94 3.63
CA LEU A 224 -2.83 18.36 3.41
C LEU A 224 -3.58 19.17 2.35
N GLU A 225 -4.10 18.47 1.34
CA GLU A 225 -4.86 19.07 0.26
C GLU A 225 -6.34 18.73 0.45
N LEU A 226 -7.22 19.74 0.33
CA LEU A 226 -8.64 19.54 0.49
C LEU A 226 -9.17 18.77 -0.71
N VAL A 227 -9.98 17.73 -0.45
CA VAL A 227 -10.56 16.94 -1.53
C VAL A 227 -12.09 17.01 -1.47
N SER A 228 -12.66 17.43 -0.34
CA SER A 228 -14.11 17.61 -0.29
C SER A 228 -14.51 18.52 0.86
N GLN A 229 -15.49 19.37 0.59
CA GLN A 229 -16.10 20.23 1.61
C GLN A 229 -17.54 20.46 1.16
N MET A 230 -18.49 20.00 1.99
CA MET A 230 -19.90 20.06 1.69
C MET A 230 -20.70 20.24 2.99
N PRO A 231 -21.74 21.10 3.02
CA PRO A 231 -22.61 21.16 4.19
C PRO A 231 -23.42 19.88 4.31
N PHE A 232 -23.87 19.58 5.52
CA PHE A 232 -24.55 18.31 5.77
C PHE A 232 -25.71 18.11 4.81
N ASN A 233 -26.48 19.18 4.53
CA ASN A 233 -27.67 19.02 3.71
C ASN A 233 -27.29 18.60 2.30
N LYS A 234 -26.22 19.18 1.76
CA LYS A 234 -25.79 18.84 0.41
C LYS A 234 -25.09 17.48 0.39
N PHE A 235 -24.31 17.17 1.43
CA PHE A 235 -23.65 15.89 1.52
C PHE A 235 -24.66 14.75 1.53
N PHE A 236 -25.74 14.93 2.30
CA PHE A 236 -26.72 13.89 2.51
C PHE A 236 -27.46 13.57 1.21
N VAL A 237 -27.85 14.60 0.46
CA VAL A 237 -28.57 14.42 -0.79
C VAL A 237 -27.69 13.68 -1.80
N GLN A 238 -26.39 13.93 -1.77
CA GLN A 238 -25.47 13.31 -2.71
C GLN A 238 -25.27 11.83 -2.39
N GLU A 239 -25.22 11.48 -1.10
CA GLU A 239 -24.84 10.15 -0.68
C GLU A 239 -26.03 9.24 -0.46
N ILE A 240 -27.22 9.79 -0.15
CA ILE A 240 -28.34 8.98 0.31
C ILE A 240 -28.71 7.89 -0.70
N PRO A 241 -28.62 8.09 -2.04
CA PRO A 241 -28.99 7.03 -2.98
C PRO A 241 -28.37 5.67 -2.68
N LYS A 242 -27.10 5.63 -2.29
CA LYS A 242 -26.42 4.37 -2.11
C LYS A 242 -26.57 3.84 -0.68
N TRP A 243 -27.47 4.42 0.13
CA TRP A 243 -27.59 4.01 1.52
C TRP A 243 -28.98 3.48 1.85
N ILE A 244 -30.00 3.76 1.02
CA ILE A 244 -31.36 3.40 1.36
C ILE A 244 -31.47 1.89 1.56
N GLU A 245 -30.76 1.13 0.69
CA GLU A 245 -30.81 -0.32 0.72
C GLU A 245 -30.21 -0.88 2.01
N ARG A 246 -29.25 -0.16 2.59
CA ARG A 246 -28.44 -0.64 3.70
C ARG A 246 -29.07 -0.32 5.06
N TYR A 247 -29.98 0.67 5.08
CA TYR A 247 -30.64 1.04 6.31
C TYR A 247 -31.63 -0.06 6.66
N SER A 248 -31.63 -0.46 7.94
CA SER A 248 -32.65 -1.33 8.50
C SER A 248 -34.00 -0.59 8.51
N PRO A 249 -35.15 -1.31 8.61
CA PRO A 249 -36.45 -0.65 8.51
C PRO A 249 -36.68 0.44 9.57
N LYS A 250 -36.13 0.27 10.78
CA LYS A 250 -36.32 1.24 11.85
C LYS A 250 -35.42 2.45 11.59
N MET A 251 -34.17 2.21 11.17
CA MET A 251 -33.24 3.25 10.76
C MET A 251 -33.85 4.10 9.65
N ARG A 252 -34.57 3.45 8.72
CA ARG A 252 -35.23 4.15 7.62
C ARG A 252 -36.26 5.15 8.15
N GLU A 253 -37.07 4.73 9.15
CA GLU A 253 -38.15 5.55 9.66
C GLU A 253 -37.61 6.77 10.40
N GLY A 254 -36.49 6.59 11.11
CA GLY A 254 -35.84 7.67 11.85
C GLY A 254 -35.16 8.71 10.97
N LEU A 255 -35.10 8.46 9.64
CA LEU A 255 -34.46 9.38 8.71
C LEU A 255 -35.47 9.89 7.69
N GLN A 256 -36.75 9.60 7.91
CA GLN A 256 -37.79 9.99 6.97
C GLN A 256 -38.60 11.14 7.53
N ARG A 257 -39.00 12.05 6.65
CA ARG A 257 -39.96 13.09 6.96
C ARG A 257 -41.34 12.44 7.08
N SER A 258 -42.34 13.21 7.52
CA SER A 258 -43.69 12.69 7.68
C SER A 258 -44.33 12.37 6.31
N ASP A 259 -43.77 12.92 5.21
CA ASP A 259 -44.24 12.58 3.88
C ASP A 259 -43.60 11.28 3.35
N GLY A 260 -42.50 10.81 3.97
CA GLY A 260 -41.88 9.55 3.59
C GLY A 260 -40.59 9.73 2.76
N ARG A 261 -40.33 10.99 2.40
CA ARG A 261 -39.06 11.29 1.70
C ARG A 261 -37.95 11.30 2.76
N TYR A 262 -36.71 11.15 2.34
CA TYR A 262 -35.59 11.07 3.28
C TYR A 262 -35.05 12.47 3.54
N GLY A 263 -34.81 12.77 4.82
CA GLY A 263 -34.22 14.04 5.21
C GLY A 263 -34.77 14.56 6.54
N VAL A 264 -34.53 15.85 6.76
CA VAL A 264 -34.96 16.52 7.98
C VAL A 264 -35.83 17.72 7.60
N GLU A 265 -36.80 18.01 8.47
CA GLU A 265 -37.67 19.17 8.35
C GLU A 265 -37.78 19.83 9.73
N GLY A 266 -38.34 21.04 9.78
CA GLY A 266 -38.57 21.73 11.04
C GLY A 266 -37.26 22.28 11.62
N ASP A 267 -37.11 22.15 12.94
CA ASP A 267 -36.04 22.81 13.64
C ASP A 267 -34.73 22.06 13.43
N GLU A 268 -34.81 20.74 13.21
CA GLU A 268 -33.65 19.92 12.90
C GLU A 268 -32.97 20.38 11.61
N LYS A 269 -33.78 20.82 10.64
CA LYS A 269 -33.25 21.16 9.33
C LYS A 269 -32.10 22.16 9.49
N GLU A 270 -32.33 23.21 10.29
CA GLU A 270 -31.33 24.24 10.51
C GLU A 270 -30.24 23.71 11.45
N ALA A 271 -30.66 23.09 12.56
CA ALA A 271 -29.74 22.74 13.64
C ALA A 271 -28.73 21.67 13.20
N ALA A 272 -29.15 20.80 12.26
CA ALA A 272 -28.33 19.69 11.80
C ALA A 272 -27.80 19.97 10.40
N SER A 273 -28.69 20.24 9.44
CA SER A 273 -28.30 20.13 8.04
C SER A 273 -27.64 21.41 7.52
N TYR A 274 -27.92 22.57 8.13
CA TYR A 274 -27.38 23.84 7.65
C TYR A 274 -26.17 24.27 8.46
N PHE A 275 -26.22 23.99 9.77
CA PHE A 275 -25.25 24.51 10.72
C PHE A 275 -23.89 23.80 10.60
N PHE A 276 -23.87 22.57 10.06
CA PHE A 276 -22.65 21.77 10.04
C PHE A 276 -22.15 21.53 8.61
N THR A 277 -20.82 21.42 8.48
CA THR A 277 -20.16 21.00 7.27
C THR A 277 -19.30 19.76 7.54
N MET A 278 -19.14 18.90 6.53
CA MET A 278 -18.11 17.89 6.58
C MET A 278 -16.92 18.42 5.78
N PHE A 279 -15.77 17.75 5.93
CA PHE A 279 -14.60 18.04 5.12
C PHE A 279 -13.72 16.79 5.03
N ALA A 280 -12.82 16.79 4.06
CA ALA A 280 -11.89 15.70 3.88
C ALA A 280 -10.64 16.24 3.19
N PHE A 281 -9.47 15.90 3.76
CA PHE A 281 -8.19 16.24 3.18
C PHE A 281 -7.37 14.99 2.91
N ARG A 282 -6.48 15.08 1.91
CA ARG A 282 -5.52 14.02 1.64
C ARG A 282 -4.12 14.56 1.93
N LYS A 283 -3.31 13.80 2.66
CA LYS A 283 -1.91 14.16 2.81
C LYS A 283 -1.16 13.91 1.51
N VAL A 284 -0.49 14.95 1.00
CA VAL A 284 0.18 14.87 -0.28
C VAL A 284 1.70 15.03 -0.14
N LYS A 285 2.16 15.65 0.95
CA LYS A 285 3.59 15.88 1.15
C LYS A 285 3.96 15.68 2.62
N GLN A 286 5.22 15.31 2.85
CA GLN A 286 5.78 15.23 4.19
C GLN A 286 6.30 16.60 4.59
N TYR A 287 5.75 17.17 5.66
CA TYR A 287 6.12 18.49 6.13
C TYR A 287 7.51 18.49 6.77
N ILE A 288 8.34 19.46 6.39
CA ILE A 288 9.60 19.74 7.05
C ILE A 288 9.58 21.18 7.54
N GLU A 289 9.86 21.36 8.84
CA GLU A 289 9.74 22.67 9.48
C GLU A 289 10.77 23.65 8.90
N PRO A 290 10.38 24.91 8.61
CA PRO A 290 11.33 25.96 8.24
C PRO A 290 12.55 26.08 9.15
N GLU A 291 13.72 26.20 8.52
CA GLU A 291 15.01 26.45 9.16
C GLU A 291 15.43 25.29 10.07
N SER A 292 14.94 24.07 9.79
CA SER A 292 15.16 22.96 10.69
C SER A 292 16.28 22.05 10.20
N VAL A 293 16.69 22.21 8.93
CA VAL A 293 17.76 21.40 8.35
C VAL A 293 19.10 22.09 8.57
N LYS A 294 19.93 21.48 9.43
CA LYS A 294 21.20 22.02 9.90
C LYS A 294 22.35 21.18 9.36
N PRO A 295 23.62 21.67 9.37
CA PRO A 295 24.75 20.80 9.03
C PRO A 295 25.19 19.91 10.20
N SER B 1 2.96 -40.26 -22.13
CA SER B 1 1.71 -40.42 -21.34
C SER B 1 0.84 -39.18 -21.46
N PRO B 2 -0.40 -39.24 -22.03
CA PRO B 2 -1.25 -38.06 -22.17
C PRO B 2 -1.63 -37.38 -20.84
N ILE B 3 -1.96 -38.15 -19.80
CA ILE B 3 -2.37 -37.56 -18.54
C ILE B 3 -1.21 -36.79 -17.89
N ILE B 4 0.03 -37.23 -18.10
CA ILE B 4 1.20 -36.52 -17.58
C ILE B 4 1.32 -35.16 -18.29
N LYS B 5 1.14 -35.16 -19.61
CA LYS B 5 1.15 -33.92 -20.38
C LYS B 5 0.13 -32.95 -19.83
N LEU B 6 -1.06 -33.47 -19.45
CA LEU B 6 -2.12 -32.65 -18.92
C LEU B 6 -1.71 -32.06 -17.57
N ARG B 7 -1.05 -32.85 -16.74
CA ARG B 7 -0.70 -32.35 -15.39
C ARG B 7 0.40 -31.30 -15.54
N ASN B 8 1.35 -31.53 -16.45
CA ASN B 8 2.39 -30.55 -16.71
C ASN B 8 1.77 -29.22 -17.16
N PHE B 9 0.83 -29.31 -18.11
CA PHE B 9 0.21 -28.13 -18.69
C PHE B 9 -0.56 -27.37 -17.62
N ASN B 10 -1.32 -28.07 -16.78
CA ASN B 10 -2.14 -27.42 -15.78
C ASN B 10 -1.27 -26.78 -14.70
N ASN B 11 -0.09 -27.34 -14.41
CA ASN B 11 0.85 -26.68 -13.50
C ASN B 11 1.44 -25.43 -14.14
N ALA B 12 1.70 -25.47 -15.46
CA ALA B 12 2.24 -24.31 -16.12
C ALA B 12 1.22 -23.18 -16.07
N ILE B 13 -0.07 -23.52 -16.26
CA ILE B 13 -1.15 -22.54 -16.24
C ILE B 13 -1.20 -21.88 -14.87
N LYS B 14 -1.09 -22.68 -13.80
CA LYS B 14 -1.14 -22.15 -12.44
C LYS B 14 0.02 -21.21 -12.15
N TYR B 15 1.24 -21.55 -12.60
CA TYR B 15 2.36 -20.64 -12.49
C TYR B 15 2.03 -19.33 -13.19
N MET B 16 1.55 -19.42 -14.43
CA MET B 16 1.32 -18.23 -15.22
C MET B 16 0.33 -17.34 -14.46
N LEU B 17 -0.66 -17.97 -13.83
CA LEU B 17 -1.74 -17.25 -13.19
C LEU B 17 -1.29 -16.60 -11.88
N ILE B 18 -0.62 -17.39 -11.04
CA ILE B 18 -0.18 -16.95 -9.74
C ILE B 18 0.83 -15.81 -9.88
N ASP B 19 1.80 -15.95 -10.78
CA ASP B 19 2.91 -15.01 -10.85
C ASP B 19 2.49 -13.75 -11.58
N LYS B 20 1.31 -13.74 -12.20
CA LYS B 20 0.78 -12.53 -12.83
C LYS B 20 0.16 -11.60 -11.80
N TYR B 21 -0.53 -12.13 -10.78
CA TYR B 21 -1.33 -11.30 -9.89
C TYR B 21 -0.68 -11.17 -8.51
N THR B 22 0.19 -12.10 -8.10
CA THR B 22 0.73 -12.11 -6.74
C THR B 22 2.03 -11.31 -6.66
N ARG B 23 2.19 -10.47 -5.64
CA ARG B 23 3.36 -9.62 -5.52
C ARG B 23 4.16 -9.96 -4.26
N PRO B 24 5.46 -9.56 -4.19
CA PRO B 24 6.24 -9.73 -2.98
C PRO B 24 5.54 -9.21 -1.73
N GLY B 25 5.62 -10.00 -0.65
CA GLY B 25 5.11 -9.60 0.66
C GLY B 25 3.62 -9.91 0.84
N ASP B 26 2.96 -10.47 -0.18
CA ASP B 26 1.53 -10.67 -0.17
C ASP B 26 1.16 -11.73 0.87
N VAL B 27 -0.05 -11.57 1.42
CA VAL B 27 -0.72 -12.61 2.19
C VAL B 27 -1.69 -13.31 1.25
N VAL B 28 -1.63 -14.64 1.21
CA VAL B 28 -2.42 -15.41 0.26
C VAL B 28 -3.36 -16.34 1.00
N LEU B 29 -4.64 -16.30 0.63
CA LEU B 29 -5.61 -17.25 1.16
C LEU B 29 -6.01 -18.23 0.06
N GLU B 30 -5.63 -19.50 0.20
CA GLU B 30 -5.91 -20.51 -0.82
C GLU B 30 -7.06 -21.36 -0.31
N LEU B 31 -8.25 -21.15 -0.88
CA LEU B 31 -9.43 -21.93 -0.53
C LEU B 31 -9.43 -23.24 -1.31
N GLY B 32 -9.75 -24.33 -0.62
CA GLY B 32 -9.74 -25.66 -1.21
C GLY B 32 -8.34 -26.03 -1.72
N CYS B 33 -7.34 -25.86 -0.84
CA CYS B 33 -5.93 -25.88 -1.22
C CYS B 33 -5.43 -27.30 -1.53
N GLY B 34 -6.18 -28.32 -1.11
CA GLY B 34 -5.81 -29.70 -1.36
C GLY B 34 -4.48 -30.03 -0.68
N LYS B 35 -3.59 -30.69 -1.41
CA LYS B 35 -2.38 -31.28 -0.90
C LYS B 35 -1.17 -30.37 -1.11
N GLY B 36 -1.39 -29.05 -1.24
CA GLY B 36 -0.28 -28.10 -1.26
C GLY B 36 0.56 -28.21 -2.52
N GLY B 37 -0.11 -28.47 -3.65
CA GLY B 37 0.55 -28.57 -4.94
C GLY B 37 1.14 -27.25 -5.42
N ASP B 38 0.76 -26.12 -4.80
CA ASP B 38 1.10 -24.81 -5.34
C ASP B 38 2.04 -24.03 -4.42
N LEU B 39 2.68 -24.68 -3.44
CA LEU B 39 3.54 -23.96 -2.51
C LEU B 39 4.78 -23.40 -3.21
N ARG B 40 5.43 -24.20 -4.06
CA ARG B 40 6.61 -23.73 -4.79
C ARG B 40 6.27 -22.47 -5.60
N LYS B 41 5.03 -22.39 -6.12
CA LYS B 41 4.66 -21.31 -7.03
C LYS B 41 4.57 -19.98 -6.28
N TYR B 42 4.05 -20.00 -5.04
CA TYR B 42 3.95 -18.80 -4.25
C TYR B 42 5.33 -18.36 -3.77
N GLY B 43 6.27 -19.30 -3.62
CA GLY B 43 7.63 -18.96 -3.24
C GLY B 43 8.30 -18.05 -4.28
N ALA B 44 8.15 -18.40 -5.56
CA ALA B 44 8.70 -17.63 -6.66
C ALA B 44 8.17 -16.20 -6.64
N ALA B 45 6.92 -16.04 -6.18
CA ALA B 45 6.26 -14.74 -6.16
C ALA B 45 6.76 -13.87 -5.00
N GLY B 46 7.32 -14.51 -3.96
CA GLY B 46 7.94 -13.85 -2.81
C GLY B 46 6.93 -13.46 -1.73
N ILE B 47 5.90 -14.27 -1.49
CA ILE B 47 4.85 -13.95 -0.51
C ILE B 47 5.41 -14.02 0.91
N SER B 48 4.62 -13.52 1.86
CA SER B 48 4.98 -13.54 3.27
C SER B 48 4.18 -14.58 4.05
N GLN B 49 2.90 -14.79 3.73
CA GLN B 49 2.09 -15.74 4.48
C GLN B 49 1.13 -16.45 3.54
N PHE B 50 1.01 -17.76 3.71
CA PHE B 50 0.09 -18.59 2.96
C PHE B 50 -0.89 -19.24 3.94
N ILE B 51 -2.18 -19.06 3.68
CA ILE B 51 -3.22 -19.65 4.50
C ILE B 51 -4.00 -20.63 3.65
N GLY B 52 -3.86 -21.92 3.93
CA GLY B 52 -4.57 -22.95 3.18
C GLY B 52 -5.75 -23.51 3.98
N ILE B 53 -6.91 -23.60 3.35
CA ILE B 53 -8.06 -24.22 3.97
C ILE B 53 -8.59 -25.29 3.03
N ASP B 54 -8.90 -26.47 3.59
CA ASP B 54 -9.47 -27.56 2.84
C ASP B 54 -10.39 -28.36 3.75
N ILE B 55 -11.44 -28.96 3.19
CA ILE B 55 -12.44 -29.65 3.98
C ILE B 55 -11.92 -31.03 4.39
N SER B 56 -10.95 -31.56 3.66
CA SER B 56 -10.41 -32.90 3.86
C SER B 56 -9.20 -32.87 4.79
N ASN B 57 -9.35 -33.47 5.97
CA ASN B 57 -8.26 -33.57 6.93
C ASN B 57 -7.08 -34.36 6.33
N ALA B 58 -7.40 -35.38 5.52
CA ALA B 58 -6.37 -36.19 4.87
C ALA B 58 -5.45 -35.33 4.01
N SER B 59 -6.06 -34.45 3.20
CA SER B 59 -5.35 -33.57 2.30
C SER B 59 -4.49 -32.56 3.06
N ILE B 60 -5.00 -32.01 4.16
CA ILE B 60 -4.26 -31.05 4.97
C ILE B 60 -3.03 -31.71 5.59
N GLN B 61 -3.12 -32.98 6.03
CA GLN B 61 -1.97 -33.64 6.62
C GLN B 61 -0.90 -33.83 5.53
N GLU B 62 -1.31 -34.12 4.30
CA GLU B 62 -0.37 -34.27 3.21
C GLU B 62 0.26 -32.92 2.88
N ALA B 63 -0.52 -31.84 2.97
CA ALA B 63 0.00 -30.50 2.71
C ALA B 63 1.08 -30.14 3.74
N HIS B 64 0.83 -30.54 5.00
CA HIS B 64 1.77 -30.38 6.10
C HIS B 64 3.10 -31.06 5.80
N LYS B 65 3.04 -32.33 5.37
CA LYS B 65 4.21 -33.09 4.94
C LYS B 65 4.98 -32.37 3.83
N ARG B 66 4.27 -31.88 2.80
CA ARG B 66 4.94 -31.37 1.61
C ARG B 66 5.73 -30.12 2.00
N TYR B 67 5.13 -29.30 2.86
CA TYR B 67 5.71 -28.05 3.34
C TYR B 67 6.94 -28.30 4.21
N ARG B 68 6.93 -29.36 5.02
CA ARG B 68 8.03 -29.64 5.93
C ARG B 68 9.26 -30.12 5.16
N SER B 69 9.06 -30.85 4.06
CA SER B 69 10.16 -31.37 3.27
C SER B 69 10.86 -30.29 2.43
N MET B 70 10.35 -29.05 2.41
CA MET B 70 10.93 -27.97 1.63
C MET B 70 11.79 -27.08 2.53
N ARG B 71 12.97 -26.70 2.04
CA ARG B 71 13.99 -26.09 2.90
C ARG B 71 14.14 -24.60 2.63
N ASN B 72 13.88 -24.17 1.37
CA ASN B 72 13.90 -22.77 0.98
C ASN B 72 12.50 -22.15 1.07
N LEU B 73 11.87 -22.26 2.25
CA LEU B 73 10.56 -21.68 2.51
C LEU B 73 10.75 -20.40 3.32
N ASP B 74 10.49 -19.26 2.66
CA ASP B 74 10.70 -17.93 3.21
C ASP B 74 9.43 -17.39 3.87
N TYR B 75 8.38 -18.20 3.97
CA TYR B 75 7.08 -17.65 4.32
C TYR B 75 6.40 -18.52 5.37
N GLN B 76 5.52 -17.90 6.15
CA GLN B 76 4.74 -18.59 7.16
C GLN B 76 3.64 -19.38 6.47
N VAL B 77 3.33 -20.57 6.97
CA VAL B 77 2.27 -21.38 6.41
C VAL B 77 1.28 -21.71 7.51
N VAL B 78 -0.01 -21.48 7.22
CA VAL B 78 -1.08 -21.84 8.12
C VAL B 78 -2.04 -22.73 7.34
N LEU B 79 -2.26 -23.95 7.83
CA LEU B 79 -3.13 -24.91 7.17
C LEU B 79 -4.27 -25.25 8.11
N ILE B 80 -5.48 -25.25 7.56
CA ILE B 80 -6.69 -25.33 8.34
C ILE B 80 -7.66 -26.28 7.65
N THR B 81 -8.27 -27.16 8.46
CA THR B 81 -9.35 -27.99 8.01
C THR B 81 -10.63 -27.20 8.24
N GLY B 82 -11.42 -27.01 7.18
CA GLY B 82 -12.61 -26.21 7.28
C GLY B 82 -13.41 -26.24 5.98
N ASP B 83 -14.65 -25.75 6.10
CA ASP B 83 -15.55 -25.61 4.98
C ASP B 83 -15.62 -24.14 4.58
N CYS B 84 -15.09 -23.81 3.40
CA CYS B 84 -15.00 -22.45 2.91
C CYS B 84 -16.25 -22.01 2.14
N PHE B 85 -17.17 -22.94 1.88
CA PHE B 85 -18.33 -22.68 1.03
C PHE B 85 -19.63 -22.81 1.81
N GLY B 86 -19.73 -23.85 2.66
CA GLY B 86 -20.94 -24.11 3.41
C GLY B 86 -21.06 -23.21 4.65
N GLU B 87 -19.91 -22.75 5.16
CA GLU B 87 -19.84 -22.05 6.44
C GLU B 87 -19.14 -20.72 6.25
N SER B 88 -19.41 -19.80 7.20
CA SER B 88 -18.66 -18.56 7.33
C SER B 88 -17.19 -18.89 7.51
N LEU B 89 -16.31 -18.04 6.99
CA LEU B 89 -14.89 -18.33 7.02
C LEU B 89 -14.32 -18.07 8.42
N GLY B 90 -15.02 -17.26 9.22
CA GLY B 90 -14.61 -16.93 10.58
C GLY B 90 -14.65 -18.14 11.51
N VAL B 91 -15.46 -19.15 11.16
CA VAL B 91 -15.49 -20.40 11.90
C VAL B 91 -14.12 -21.06 11.81
N ALA B 92 -13.58 -21.15 10.59
CA ALA B 92 -12.31 -21.81 10.34
C ALA B 92 -11.13 -21.00 10.87
N VAL B 93 -11.18 -19.67 10.75
CA VAL B 93 -9.95 -18.89 10.89
C VAL B 93 -9.85 -18.23 12.27
N GLU B 94 -10.94 -18.10 13.03
CA GLU B 94 -10.85 -17.40 14.30
C GLU B 94 -9.87 -18.10 15.26
N PRO B 95 -9.85 -19.46 15.32
CA PRO B 95 -8.88 -20.18 16.13
C PRO B 95 -7.42 -20.03 15.72
N PHE B 96 -7.15 -19.28 14.65
CA PHE B 96 -5.82 -19.10 14.11
C PHE B 96 -5.51 -17.61 14.01
N PRO B 97 -5.11 -16.95 15.12
CA PRO B 97 -4.83 -15.53 15.14
C PRO B 97 -3.62 -15.09 14.33
N ASP B 98 -2.69 -16.02 14.03
CA ASP B 98 -1.55 -15.71 13.17
C ASP B 98 -1.98 -15.17 11.82
N CYS B 99 -3.09 -15.67 11.27
CA CYS B 99 -3.61 -15.22 9.98
C CYS B 99 -3.68 -13.70 9.91
N ARG B 100 -3.18 -13.13 8.80
CA ARG B 100 -3.09 -11.70 8.64
C ARG B 100 -4.12 -11.18 7.64
N PHE B 101 -5.36 -11.01 8.10
CA PHE B 101 -6.41 -10.41 7.30
C PHE B 101 -6.52 -8.90 7.53
N PRO B 102 -7.00 -8.10 6.56
CA PRO B 102 -7.36 -8.59 5.22
C PRO B 102 -6.15 -8.89 4.36
N CYS B 103 -6.30 -9.83 3.44
CA CYS B 103 -5.20 -10.32 2.63
C CYS B 103 -5.22 -9.70 1.24
N ASP B 104 -4.25 -10.10 0.42
CA ASP B 104 -3.97 -9.46 -0.86
C ASP B 104 -4.48 -10.29 -2.03
N ILE B 105 -4.53 -11.60 -1.81
CA ILE B 105 -4.87 -12.58 -2.83
C ILE B 105 -5.79 -13.62 -2.22
N VAL B 106 -6.84 -13.97 -2.96
CA VAL B 106 -7.58 -15.19 -2.69
C VAL B 106 -7.54 -16.05 -3.94
N SER B 107 -7.17 -17.32 -3.78
CA SER B 107 -7.06 -18.23 -4.91
C SER B 107 -7.99 -19.42 -4.72
N THR B 108 -8.77 -19.76 -5.76
CA THR B 108 -9.50 -21.01 -5.81
C THR B 108 -9.11 -21.77 -7.08
N GLN B 109 -8.23 -22.76 -6.94
CA GLN B 109 -7.81 -23.57 -8.08
C GLN B 109 -8.63 -24.85 -8.10
N PHE B 110 -9.44 -25.01 -9.15
CA PHE B 110 -10.18 -26.24 -9.43
C PHE B 110 -11.06 -26.65 -8.26
N CYS B 111 -11.86 -25.72 -7.72
CA CYS B 111 -12.70 -26.06 -6.59
C CYS B 111 -13.98 -25.24 -6.49
N LEU B 112 -14.04 -24.05 -7.12
CA LEU B 112 -15.17 -23.16 -6.92
C LEU B 112 -16.47 -23.79 -7.43
N HIS B 113 -16.35 -24.76 -8.33
CA HIS B 113 -17.50 -25.45 -8.88
C HIS B 113 -18.19 -26.32 -7.84
N TYR B 114 -17.56 -26.66 -6.72
CA TYR B 114 -18.24 -27.40 -5.66
C TYR B 114 -19.22 -26.47 -4.94
N ALA B 115 -19.01 -25.16 -5.03
CA ALA B 115 -19.84 -24.18 -4.36
C ALA B 115 -21.13 -23.87 -5.11
N PHE B 116 -21.24 -24.27 -6.38
CA PHE B 116 -22.44 -23.93 -7.14
C PHE B 116 -23.51 -25.01 -6.99
N GLU B 117 -23.38 -25.85 -5.96
CA GLU B 117 -24.39 -26.82 -5.62
C GLU B 117 -25.73 -26.13 -5.34
N THR B 118 -25.68 -24.98 -4.66
CA THR B 118 -26.88 -24.23 -4.34
C THR B 118 -26.55 -22.74 -4.40
N GLU B 119 -27.60 -21.90 -4.47
CA GLU B 119 -27.41 -20.46 -4.46
C GLU B 119 -26.84 -20.04 -3.11
N GLU B 120 -27.29 -20.68 -2.03
CA GLU B 120 -26.84 -20.35 -0.69
C GLU B 120 -25.33 -20.58 -0.57
N LYS B 121 -24.86 -21.72 -1.07
CA LYS B 121 -23.45 -22.07 -1.00
C LYS B 121 -22.62 -21.11 -1.86
N ALA B 122 -23.10 -20.76 -3.06
CA ALA B 122 -22.35 -19.89 -3.96
C ALA B 122 -22.20 -18.50 -3.35
N ARG B 123 -23.29 -17.98 -2.77
CA ARG B 123 -23.26 -16.65 -2.17
C ARG B 123 -22.31 -16.63 -0.98
N ARG B 124 -22.33 -17.68 -0.17
CA ARG B 124 -21.51 -17.75 1.02
C ARG B 124 -20.03 -17.80 0.62
N ALA B 125 -19.72 -18.57 -0.42
CA ALA B 125 -18.34 -18.67 -0.88
C ALA B 125 -17.82 -17.31 -1.29
N LEU B 126 -18.64 -16.55 -2.04
CA LEU B 126 -18.19 -15.30 -2.63
C LEU B 126 -18.14 -14.20 -1.59
N LEU B 127 -19.07 -14.22 -0.64
CA LEU B 127 -19.00 -13.28 0.47
C LEU B 127 -17.76 -13.56 1.31
N ASN B 128 -17.41 -14.84 1.49
CA ASN B 128 -16.16 -15.24 2.15
C ASN B 128 -14.94 -14.65 1.44
N VAL B 129 -14.93 -14.71 0.11
CA VAL B 129 -13.82 -14.19 -0.66
C VAL B 129 -13.76 -12.67 -0.48
N ALA B 130 -14.90 -12.01 -0.65
CA ALA B 130 -14.96 -10.55 -0.62
C ALA B 130 -14.57 -10.02 0.75
N LYS B 131 -15.12 -10.64 1.81
CA LYS B 131 -14.84 -10.21 3.18
C LYS B 131 -13.34 -10.23 3.45
N SER B 132 -12.61 -11.18 2.84
CA SER B 132 -11.22 -11.45 3.17
C SER B 132 -10.22 -10.45 2.57
N LEU B 133 -10.61 -9.74 1.50
CA LEU B 133 -9.67 -9.01 0.68
C LEU B 133 -9.56 -7.54 1.08
N LYS B 134 -8.35 -6.99 0.93
CA LYS B 134 -8.21 -5.55 0.88
C LYS B 134 -8.88 -5.04 -0.38
N ILE B 135 -9.31 -3.79 -0.37
CA ILE B 135 -9.64 -3.11 -1.62
C ILE B 135 -8.35 -3.04 -2.42
N GLY B 136 -8.44 -3.38 -3.71
CA GLY B 136 -7.27 -3.52 -4.55
C GLY B 136 -6.75 -4.95 -4.59
N GLY B 137 -7.26 -5.82 -3.70
CA GLY B 137 -6.91 -7.24 -3.71
C GLY B 137 -7.50 -7.97 -4.91
N HIS B 138 -6.95 -9.16 -5.20
CA HIS B 138 -7.41 -9.95 -6.33
C HIS B 138 -7.90 -11.32 -5.88
N PHE B 139 -8.94 -11.78 -6.56
CA PHE B 139 -9.44 -13.13 -6.44
C PHE B 139 -9.27 -13.82 -7.78
N PHE B 140 -8.44 -14.87 -7.87
CA PHE B 140 -8.25 -15.55 -9.14
C PHE B 140 -8.42 -17.06 -8.96
N GLY B 141 -8.61 -17.75 -10.09
CA GLY B 141 -8.94 -19.16 -10.02
C GLY B 141 -9.09 -19.82 -11.39
N THR B 142 -9.40 -21.11 -11.33
CA THR B 142 -9.56 -21.95 -12.50
C THR B 142 -10.80 -22.81 -12.28
N ILE B 143 -11.69 -22.82 -13.27
CA ILE B 143 -12.91 -23.60 -13.23
C ILE B 143 -13.16 -24.17 -14.62
N PRO B 144 -14.03 -25.19 -14.73
CA PRO B 144 -14.51 -25.61 -16.04
C PRO B 144 -15.23 -24.45 -16.73
N ASP B 145 -14.97 -24.31 -18.04
CA ASP B 145 -15.52 -23.25 -18.85
C ASP B 145 -16.99 -23.56 -19.17
N SER B 146 -17.89 -22.73 -18.64
CA SER B 146 -19.30 -22.93 -18.91
C SER B 146 -19.58 -22.77 -20.40
N GLU B 147 -18.72 -22.08 -21.15
CA GLU B 147 -19.02 -21.83 -22.56
C GLU B 147 -18.66 -23.06 -23.41
N PHE B 148 -17.61 -23.78 -23.02
CA PHE B 148 -17.30 -25.06 -23.63
C PHE B 148 -18.37 -26.08 -23.29
N ILE B 149 -18.84 -26.08 -22.04
CA ILE B 149 -19.85 -27.05 -21.62
C ILE B 149 -21.15 -26.81 -22.39
N ARG B 150 -21.55 -25.54 -22.54
CA ARG B 150 -22.76 -25.20 -23.29
C ARG B 150 -22.62 -25.64 -24.74
N TYR B 151 -21.44 -25.40 -25.32
CA TYR B 151 -21.16 -25.76 -26.70
C TYR B 151 -21.41 -27.24 -26.94
N LYS B 152 -21.02 -28.10 -25.99
CA LYS B 152 -21.19 -29.54 -26.13
C LYS B 152 -22.64 -29.93 -25.88
N LEU B 153 -23.24 -29.39 -24.81
CA LEU B 153 -24.60 -29.74 -24.41
C LEU B 153 -25.58 -29.42 -25.54
N ASN B 154 -25.28 -28.39 -26.34
CA ASN B 154 -26.14 -27.93 -27.41
C ASN B 154 -26.23 -28.94 -28.55
N LYS B 155 -25.29 -29.89 -28.60
CA LYS B 155 -25.22 -30.84 -29.69
C LYS B 155 -26.10 -32.07 -29.47
N PHE B 156 -26.72 -32.21 -28.29
CA PHE B 156 -27.48 -33.42 -27.97
C PHE B 156 -28.96 -33.23 -28.31
N PRO B 157 -29.63 -34.26 -28.86
CA PRO B 157 -31.08 -34.25 -28.98
C PRO B 157 -31.76 -34.36 -27.62
N LYS B 158 -33.05 -34.01 -27.58
CA LYS B 158 -33.84 -34.06 -26.36
C LYS B 158 -33.99 -35.50 -25.84
N GLU B 159 -33.83 -36.50 -26.72
CA GLU B 159 -34.09 -37.90 -26.39
C GLU B 159 -33.10 -38.46 -25.38
N VAL B 160 -31.83 -38.01 -25.46
CA VAL B 160 -30.75 -38.53 -24.63
C VAL B 160 -30.98 -38.14 -23.17
N GLU B 161 -31.03 -39.15 -22.29
CA GLU B 161 -31.46 -38.99 -20.91
C GLU B 161 -30.34 -38.38 -20.07
N LYS B 162 -29.11 -38.92 -20.23
CA LYS B 162 -27.95 -38.53 -19.44
C LYS B 162 -26.80 -38.15 -20.38
N PRO B 163 -26.81 -36.93 -20.96
CA PRO B 163 -25.81 -36.55 -21.94
C PRO B 163 -24.39 -36.70 -21.46
N SER B 164 -23.53 -37.26 -22.30
CA SER B 164 -22.17 -37.58 -21.90
C SER B 164 -21.21 -37.41 -23.07
N TRP B 165 -20.00 -36.91 -22.79
CA TRP B 165 -18.95 -36.85 -23.78
C TRP B 165 -17.61 -37.00 -23.09
N GLY B 166 -16.55 -37.29 -23.88
CA GLY B 166 -15.21 -37.42 -23.33
C GLY B 166 -14.22 -38.01 -24.33
N ASN B 167 -13.07 -38.43 -23.80
CA ASN B 167 -12.04 -39.10 -24.59
C ASN B 167 -11.34 -40.11 -23.68
N SER B 168 -10.08 -40.44 -24.00
CA SER B 168 -9.41 -41.52 -23.30
C SER B 168 -9.04 -41.12 -21.87
N ILE B 169 -8.90 -39.82 -21.58
CA ILE B 169 -8.41 -39.40 -20.27
C ILE B 169 -9.47 -38.66 -19.44
N TYR B 170 -10.62 -38.29 -20.02
CA TYR B 170 -11.65 -37.66 -19.22
C TYR B 170 -13.03 -37.97 -19.76
N ARG B 171 -14.03 -37.82 -18.89
CA ARG B 171 -15.43 -37.98 -19.25
C ARG B 171 -16.33 -37.19 -18.32
N VAL B 172 -17.36 -36.58 -18.91
CA VAL B 172 -18.40 -35.85 -18.21
C VAL B 172 -19.73 -36.55 -18.49
N THR B 173 -20.58 -36.73 -17.47
CA THR B 173 -21.89 -37.35 -17.62
C THR B 173 -22.91 -36.55 -16.83
N PHE B 174 -23.89 -35.96 -17.51
CA PHE B 174 -24.90 -35.14 -16.85
C PHE B 174 -25.93 -36.01 -16.14
N GLU B 175 -26.41 -35.52 -14.99
CA GLU B 175 -27.42 -36.18 -14.18
C GLU B 175 -28.73 -36.34 -14.96
N ASN B 176 -29.19 -35.26 -15.59
CA ASN B 176 -30.45 -35.31 -16.32
C ASN B 176 -30.29 -34.55 -17.64
N ASN B 177 -31.41 -34.36 -18.36
CA ASN B 177 -31.40 -33.66 -19.64
C ASN B 177 -32.33 -32.45 -19.60
N SER B 178 -32.45 -31.81 -18.44
CA SER B 178 -33.34 -30.67 -18.30
C SER B 178 -32.88 -29.51 -19.18
N TYR B 179 -31.57 -29.42 -19.47
CA TYR B 179 -31.01 -28.37 -20.31
C TYR B 179 -31.62 -28.42 -21.70
N GLN B 180 -31.65 -29.63 -22.28
CA GLN B 180 -32.15 -29.80 -23.64
C GLN B 180 -33.67 -29.62 -23.65
N LYS B 181 -34.36 -30.18 -22.65
CA LYS B 181 -35.81 -30.07 -22.52
C LYS B 181 -36.24 -28.63 -22.23
N ASN B 182 -35.31 -27.77 -21.84
CA ASN B 182 -35.63 -26.38 -21.54
C ASN B 182 -35.10 -25.47 -22.65
N ASP B 183 -35.16 -25.94 -23.91
CA ASP B 183 -34.71 -25.22 -25.10
C ASP B 183 -33.25 -24.74 -24.96
N TYR B 184 -32.37 -25.65 -24.54
CA TYR B 184 -30.93 -25.44 -24.54
C TYR B 184 -30.53 -24.27 -23.63
N GLU B 185 -31.17 -24.19 -22.46
CA GLU B 185 -30.81 -23.26 -21.40
C GLU B 185 -30.92 -24.00 -20.07
N PHE B 186 -30.06 -23.66 -19.11
CA PHE B 186 -30.17 -24.23 -17.77
C PHE B 186 -31.44 -23.72 -17.11
N THR B 187 -32.07 -24.55 -16.27
CA THR B 187 -33.31 -24.15 -15.60
C THR B 187 -33.00 -23.15 -14.49
N SER B 188 -31.75 -23.19 -14.01
CA SER B 188 -31.28 -22.47 -12.85
C SER B 188 -29.77 -22.36 -12.96
N PRO B 189 -29.12 -21.30 -12.43
CA PRO B 189 -27.67 -21.26 -12.41
C PRO B 189 -27.02 -22.33 -11.53
N TYR B 190 -27.77 -22.81 -10.53
CA TYR B 190 -27.15 -23.61 -9.48
C TYR B 190 -27.65 -25.05 -9.57
N GLY B 191 -26.86 -25.97 -9.04
CA GLY B 191 -27.29 -27.36 -8.87
C GLY B 191 -27.21 -28.16 -10.16
N GLN B 192 -26.53 -27.63 -11.17
CA GLN B 192 -26.48 -28.29 -12.47
C GLN B 192 -25.36 -29.32 -12.48
N MET B 193 -25.72 -30.56 -12.11
CA MET B 193 -24.73 -31.55 -11.73
C MET B 193 -24.32 -32.39 -12.93
N TYR B 194 -23.02 -32.72 -12.98
CA TYR B 194 -22.47 -33.73 -13.87
C TYR B 194 -21.40 -34.49 -13.09
N THR B 195 -21.10 -35.70 -13.54
CA THR B 195 -20.09 -36.54 -12.93
C THR B 195 -18.82 -36.38 -13.74
N TYR B 196 -17.69 -36.11 -13.09
CA TYR B 196 -16.45 -35.84 -13.78
C TYR B 196 -15.48 -37.00 -13.53
N TRP B 197 -14.92 -37.54 -14.61
CA TRP B 197 -13.87 -38.52 -14.50
C TRP B 197 -12.62 -37.96 -15.17
N LEU B 198 -11.50 -37.93 -14.43
CA LEU B 198 -10.20 -37.65 -15.03
C LEU B 198 -9.21 -38.74 -14.60
N GLU B 199 -8.52 -39.33 -15.58
CA GLU B 199 -7.64 -40.47 -15.34
C GLU B 199 -6.71 -40.18 -14.17
N ASP B 200 -6.71 -41.09 -13.18
CA ASP B 200 -5.77 -41.09 -12.06
C ASP B 200 -5.89 -39.85 -11.18
N ALA B 201 -7.05 -39.18 -11.15
CA ALA B 201 -7.18 -37.94 -10.39
C ALA B 201 -8.53 -37.83 -9.69
N ILE B 202 -9.60 -37.77 -10.49
CA ILE B 202 -10.97 -37.71 -9.96
C ILE B 202 -11.70 -38.97 -10.41
N ASP B 203 -12.38 -39.66 -9.49
CA ASP B 203 -13.05 -40.92 -9.81
C ASP B 203 -14.58 -40.74 -9.76
N ASN B 204 -15.15 -40.22 -10.85
CA ASN B 204 -16.59 -40.08 -11.05
C ASN B 204 -17.23 -39.33 -9.88
N VAL B 205 -16.77 -38.09 -9.65
CA VAL B 205 -17.25 -37.28 -8.54
C VAL B 205 -18.19 -36.20 -9.05
N PRO B 206 -19.35 -35.98 -8.38
CA PRO B 206 -20.29 -34.92 -8.78
C PRO B 206 -19.71 -33.50 -8.65
N GLU B 207 -19.90 -32.72 -9.73
CA GLU B 207 -19.51 -31.31 -9.81
C GLU B 207 -20.70 -30.50 -10.33
N TYR B 208 -20.56 -29.17 -10.32
CA TYR B 208 -21.64 -28.32 -10.78
C TYR B 208 -21.10 -27.32 -11.81
N VAL B 209 -21.96 -26.99 -12.77
CA VAL B 209 -21.61 -26.00 -13.77
C VAL B 209 -21.50 -24.64 -13.10
N VAL B 210 -20.60 -23.79 -13.59
CA VAL B 210 -20.48 -22.43 -13.10
C VAL B 210 -20.80 -21.49 -14.25
N PRO B 211 -22.07 -21.11 -14.46
CA PRO B 211 -22.39 -20.16 -15.52
C PRO B 211 -21.64 -18.87 -15.24
N PHE B 212 -20.70 -18.54 -16.13
CA PHE B 212 -19.75 -17.49 -15.85
C PHE B 212 -20.50 -16.18 -15.66
N GLU B 213 -21.61 -15.98 -16.38
CA GLU B 213 -22.41 -14.78 -16.25
C GLU B 213 -22.93 -14.66 -14.81
N THR B 214 -23.26 -15.78 -14.17
CA THR B 214 -23.79 -15.72 -12.81
C THR B 214 -22.66 -15.44 -11.82
N LEU B 215 -21.51 -16.09 -12.01
CA LEU B 215 -20.36 -15.85 -11.16
C LEU B 215 -20.00 -14.36 -11.19
N ARG B 216 -20.02 -13.77 -12.40
CA ARG B 216 -19.61 -12.40 -12.59
C ARG B 216 -20.59 -11.44 -11.90
N SER B 217 -21.86 -11.83 -11.91
CA SER B 217 -22.94 -11.00 -11.42
C SER B 217 -22.99 -11.07 -9.89
N LEU B 218 -22.75 -12.26 -9.32
CA LEU B 218 -22.62 -12.42 -7.88
C LEU B 218 -21.39 -11.66 -7.38
N ALA B 219 -20.26 -11.84 -8.06
CA ALA B 219 -19.04 -11.17 -7.64
C ALA B 219 -19.26 -9.66 -7.55
N ASP B 220 -20.02 -9.10 -8.50
CA ASP B 220 -20.28 -7.67 -8.56
C ASP B 220 -21.09 -7.21 -7.34
N GLU B 221 -22.14 -7.96 -6.98
CA GLU B 221 -22.92 -7.66 -5.80
C GLU B 221 -22.05 -7.52 -4.56
N TYR B 222 -20.95 -8.28 -4.49
CA TYR B 222 -20.11 -8.33 -3.30
C TYR B 222 -18.87 -7.45 -3.46
N GLY B 223 -18.78 -6.74 -4.58
CA GLY B 223 -17.81 -5.66 -4.73
C GLY B 223 -16.55 -6.08 -5.48
N LEU B 224 -16.64 -7.14 -6.27
CA LEU B 224 -15.54 -7.64 -7.08
C LEU B 224 -15.83 -7.37 -8.56
N GLU B 225 -14.86 -6.74 -9.24
CA GLU B 225 -14.92 -6.44 -10.67
C GLU B 225 -14.03 -7.40 -11.43
N LEU B 226 -14.54 -7.97 -12.52
CA LEU B 226 -13.80 -8.89 -13.36
C LEU B 226 -12.71 -8.12 -14.10
N VAL B 227 -11.47 -8.62 -14.08
CA VAL B 227 -10.38 -7.99 -14.80
C VAL B 227 -9.80 -8.92 -15.85
N SER B 228 -10.10 -10.23 -15.79
CA SER B 228 -9.68 -11.13 -16.84
C SER B 228 -10.44 -12.44 -16.79
N GLN B 229 -10.75 -12.96 -17.98
CA GLN B 229 -11.37 -14.27 -18.15
C GLN B 229 -10.92 -14.77 -19.51
N MET B 230 -10.20 -15.91 -19.51
CA MET B 230 -9.62 -16.49 -20.72
C MET B 230 -9.61 -18.01 -20.58
N PRO B 231 -9.96 -18.79 -21.62
CA PRO B 231 -9.78 -20.23 -21.57
C PRO B 231 -8.31 -20.58 -21.54
N PHE B 232 -7.99 -21.78 -21.02
CA PHE B 232 -6.61 -22.15 -20.81
C PHE B 232 -5.81 -22.03 -22.11
N ASN B 233 -6.40 -22.44 -23.24
CA ASN B 233 -5.66 -22.47 -24.49
C ASN B 233 -5.28 -21.05 -24.89
N LYS B 234 -6.18 -20.09 -24.70
CA LYS B 234 -5.91 -18.71 -25.06
C LYS B 234 -4.97 -18.05 -24.05
N PHE B 235 -5.14 -18.38 -22.78
CA PHE B 235 -4.28 -17.84 -21.72
C PHE B 235 -2.84 -18.25 -21.96
N PHE B 236 -2.65 -19.53 -22.31
CA PHE B 236 -1.31 -20.08 -22.45
C PHE B 236 -0.56 -19.42 -23.60
N VAL B 237 -1.21 -19.21 -24.75
CA VAL B 237 -0.51 -18.65 -25.89
C VAL B 237 -0.17 -17.19 -25.60
N GLN B 238 -0.98 -16.50 -24.79
CA GLN B 238 -0.70 -15.11 -24.44
C GLN B 238 0.51 -14.99 -23.52
N GLU B 239 0.66 -15.92 -22.58
CA GLU B 239 1.62 -15.79 -21.50
C GLU B 239 2.92 -16.52 -21.81
N ILE B 240 2.90 -17.56 -22.66
CA ILE B 240 4.06 -18.43 -22.82
C ILE B 240 5.32 -17.65 -23.21
N PRO B 241 5.27 -16.58 -24.04
CA PRO B 241 6.49 -15.85 -24.40
C PRO B 241 7.39 -15.50 -23.22
N LYS B 242 6.83 -15.08 -22.09
CA LYS B 242 7.64 -14.62 -20.99
C LYS B 242 8.04 -15.77 -20.06
N TRP B 243 7.80 -17.03 -20.45
CA TRP B 243 8.06 -18.16 -19.57
C TRP B 243 9.09 -19.13 -20.13
N ILE B 244 9.36 -19.08 -21.44
CA ILE B 244 10.24 -20.04 -22.10
C ILE B 244 11.59 -20.05 -21.38
N GLU B 245 12.09 -18.84 -21.09
CA GLU B 245 13.43 -18.67 -20.53
C GLU B 245 13.52 -19.24 -19.12
N ARG B 246 12.39 -19.25 -18.40
CA ARG B 246 12.36 -19.59 -16.98
C ARG B 246 12.21 -21.09 -16.75
N TYR B 247 11.68 -21.80 -17.75
CA TYR B 247 11.49 -23.23 -17.64
C TYR B 247 12.86 -23.90 -17.71
N SER B 248 13.08 -24.86 -16.81
CA SER B 248 14.21 -25.77 -16.89
C SER B 248 14.09 -26.66 -18.14
N PRO B 249 15.19 -27.27 -18.64
CA PRO B 249 15.13 -28.05 -19.86
C PRO B 249 14.12 -29.21 -19.83
N LYS B 250 13.94 -29.84 -18.65
CA LYS B 250 13.03 -30.97 -18.52
C LYS B 250 11.58 -30.46 -18.48
N MET B 251 11.34 -29.36 -17.76
CA MET B 251 10.05 -28.68 -17.76
C MET B 251 9.64 -28.29 -19.18
N ARG B 252 10.62 -27.84 -19.99
CA ARG B 252 10.39 -27.46 -21.36
C ARG B 252 9.87 -28.64 -22.16
N GLU B 253 10.46 -29.83 -21.97
CA GLU B 253 10.12 -31.01 -22.76
C GLU B 253 8.71 -31.51 -22.43
N GLY B 254 8.33 -31.40 -21.15
CA GLY B 254 7.00 -31.79 -20.70
C GLY B 254 5.88 -30.85 -21.18
N LEU B 255 6.22 -29.72 -21.82
CA LEU B 255 5.25 -28.76 -22.31
C LEU B 255 5.33 -28.61 -23.82
N GLN B 256 6.10 -29.49 -24.46
CA GLN B 256 6.33 -29.41 -25.90
C GLN B 256 5.57 -30.53 -26.60
N ARG B 257 5.02 -30.21 -27.77
CA ARG B 257 4.46 -31.18 -28.67
C ARG B 257 5.61 -31.97 -29.29
N SER B 258 5.28 -33.04 -30.02
CA SER B 258 6.30 -33.88 -30.65
C SER B 258 7.03 -33.12 -31.77
N ASP B 259 6.45 -32.02 -32.28
CA ASP B 259 7.11 -31.18 -33.27
C ASP B 259 8.04 -30.15 -32.62
N GLY B 260 7.94 -29.93 -31.29
CA GLY B 260 8.85 -29.05 -30.58
C GLY B 260 8.26 -27.67 -30.26
N ARG B 261 7.10 -27.34 -30.84
CA ARG B 261 6.32 -26.16 -30.47
C ARG B 261 5.72 -26.39 -29.08
N TYR B 262 5.42 -25.30 -28.36
CA TYR B 262 4.88 -25.37 -27.01
C TYR B 262 3.36 -25.51 -27.07
N GLY B 263 2.82 -26.44 -26.27
CA GLY B 263 1.38 -26.61 -26.17
C GLY B 263 0.99 -28.06 -25.95
N VAL B 264 -0.31 -28.34 -26.17
CA VAL B 264 -0.87 -29.66 -25.97
C VAL B 264 -1.54 -30.10 -27.27
N GLU B 265 -1.53 -31.41 -27.51
CA GLU B 265 -2.15 -32.03 -28.68
C GLU B 265 -2.85 -33.31 -28.21
N GLY B 266 -3.68 -33.90 -29.06
CA GLY B 266 -4.36 -35.15 -28.73
C GLY B 266 -5.47 -34.92 -27.71
N ASP B 267 -5.59 -35.86 -26.77
CA ASP B 267 -6.72 -35.91 -25.87
C ASP B 267 -6.58 -34.84 -24.80
N GLU B 268 -5.34 -34.49 -24.44
CA GLU B 268 -5.05 -33.42 -23.50
C GLU B 268 -5.60 -32.08 -23.99
N LYS B 269 -5.54 -31.85 -25.31
CA LYS B 269 -5.92 -30.56 -25.87
C LYS B 269 -7.33 -30.19 -25.38
N GLU B 270 -8.27 -31.13 -25.50
CA GLU B 270 -9.64 -30.88 -25.08
C GLU B 270 -9.73 -30.91 -23.54
N ALA B 271 -9.15 -31.93 -22.91
CA ALA B 271 -9.34 -32.19 -21.50
C ALA B 271 -8.73 -31.08 -20.63
N ALA B 272 -7.66 -30.44 -21.13
CA ALA B 272 -6.96 -29.39 -20.40
C ALA B 272 -7.27 -28.02 -20.99
N SER B 273 -7.02 -27.83 -22.29
CA SER B 273 -6.91 -26.48 -22.80
C SER B 273 -8.28 -25.89 -23.17
N TYR B 274 -9.28 -26.73 -23.47
CA TYR B 274 -10.59 -26.24 -23.89
C TYR B 274 -11.58 -26.26 -22.73
N PHE B 275 -11.46 -27.27 -21.88
CA PHE B 275 -12.44 -27.54 -20.84
C PHE B 275 -12.36 -26.53 -19.69
N PHE B 276 -11.20 -25.88 -19.49
CA PHE B 276 -11.01 -25.01 -18.35
C PHE B 276 -10.84 -23.54 -18.76
N THR B 277 -11.28 -22.65 -17.87
CA THR B 277 -11.04 -21.21 -17.96
C THR B 277 -10.31 -20.75 -16.70
N MET B 278 -9.50 -19.70 -16.83
CA MET B 278 -9.03 -18.97 -15.67
C MET B 278 -9.91 -17.73 -15.53
N PHE B 279 -9.82 -17.07 -14.37
CA PHE B 279 -10.47 -15.81 -14.14
C PHE B 279 -9.71 -15.01 -13.08
N ALA B 280 -9.98 -13.71 -13.02
CA ALA B 280 -9.37 -12.84 -12.03
C ALA B 280 -10.32 -11.67 -11.78
N PHE B 281 -10.56 -11.37 -10.51
CA PHE B 281 -11.36 -10.24 -10.09
C PHE B 281 -10.55 -9.33 -9.17
N ARG B 282 -10.89 -8.04 -9.15
CA ARG B 282 -10.31 -7.09 -8.22
C ARG B 282 -11.42 -6.59 -7.30
N LYS B 283 -11.16 -6.56 -6.00
CA LYS B 283 -12.08 -5.92 -5.07
C LYS B 283 -12.02 -4.41 -5.24
N VAL B 284 -13.17 -3.79 -5.47
CA VAL B 284 -13.24 -2.36 -5.73
C VAL B 284 -14.04 -1.63 -4.64
N LYS B 285 -14.92 -2.33 -3.93
CA LYS B 285 -15.72 -1.71 -2.89
C LYS B 285 -15.88 -2.65 -1.70
N GLN B 286 -16.14 -2.07 -0.52
CA GLN B 286 -16.45 -2.84 0.67
C GLN B 286 -17.94 -3.11 0.71
N TYR B 287 -18.33 -4.39 0.71
CA TYR B 287 -19.72 -4.77 0.74
C TYR B 287 -20.35 -4.52 2.10
N ILE B 288 -21.54 -3.90 2.10
CA ILE B 288 -22.36 -3.78 3.29
C ILE B 288 -23.71 -4.45 3.02
N GLU B 289 -24.10 -5.37 3.92
CA GLU B 289 -25.27 -6.19 3.73
C GLU B 289 -26.54 -5.34 3.79
N PRO B 290 -27.52 -5.56 2.88
CA PRO B 290 -28.83 -4.92 2.98
C PRO B 290 -29.47 -5.00 4.37
N GLU B 291 -30.02 -3.86 4.80
CA GLU B 291 -30.80 -3.73 6.02
C GLU B 291 -29.98 -4.03 7.27
N SER B 292 -28.67 -3.85 7.21
CA SER B 292 -27.79 -4.27 8.29
C SER B 292 -27.39 -3.09 9.18
N VAL B 293 -27.63 -1.86 8.71
CA VAL B 293 -27.28 -0.66 9.45
C VAL B 293 -28.46 -0.23 10.33
N LYS B 294 -28.27 -0.35 11.65
CA LYS B 294 -29.33 -0.17 12.64
C LYS B 294 -29.04 1.05 13.51
N PRO B 295 -30.03 1.65 14.21
CA PRO B 295 -29.73 2.65 15.23
C PRO B 295 -29.30 2.04 16.55
N SER C 1 36.76 27.23 3.37
CA SER C 1 37.40 25.91 3.11
C SER C 1 36.66 25.17 1.99
N PRO C 2 37.30 24.88 0.83
CA PRO C 2 36.64 24.17 -0.27
C PRO C 2 36.09 22.79 0.08
N ILE C 3 36.84 21.97 0.82
CA ILE C 3 36.37 20.63 1.14
C ILE C 3 35.11 20.67 2.03
N ILE C 4 34.98 21.69 2.89
CA ILE C 4 33.79 21.86 3.71
C ILE C 4 32.59 22.17 2.81
N LYS C 5 32.79 23.06 1.85
CA LYS C 5 31.74 23.39 0.89
C LYS C 5 31.27 22.13 0.18
N LEU C 6 32.22 21.24 -0.16
CA LEU C 6 31.90 20.00 -0.86
C LEU C 6 31.08 19.10 0.06
N ARG C 7 31.46 18.99 1.33
CA ARG C 7 30.73 18.16 2.26
C ARG C 7 29.30 18.67 2.40
N ASN C 8 29.15 19.99 2.58
CA ASN C 8 27.84 20.62 2.71
C ASN C 8 26.98 20.30 1.49
N PHE C 9 27.56 20.47 0.30
CA PHE C 9 26.84 20.28 -0.95
C PHE C 9 26.37 18.83 -1.07
N ASN C 10 27.26 17.88 -0.77
CA ASN C 10 26.92 16.47 -0.93
C ASN C 10 25.86 16.06 0.10
N ASN C 11 25.83 16.67 1.28
CA ASN C 11 24.75 16.41 2.23
C ASN C 11 23.43 16.99 1.73
N ALA C 12 23.48 18.16 1.10
CA ALA C 12 22.27 18.76 0.57
C ALA C 12 21.68 17.87 -0.51
N ILE C 13 22.56 17.31 -1.36
CA ILE C 13 22.14 16.44 -2.45
C ILE C 13 21.42 15.21 -1.87
N LYS C 14 21.99 14.63 -0.81
CA LYS C 14 21.43 13.43 -0.21
C LYS C 14 20.06 13.71 0.40
N TYR C 15 19.90 14.86 1.07
CA TYR C 15 18.59 15.26 1.56
C TYR C 15 17.61 15.33 0.39
N MET C 16 18.01 16.01 -0.68
CA MET C 16 17.11 16.21 -1.79
C MET C 16 16.65 14.85 -2.33
N LEU C 17 17.59 13.90 -2.36
CA LEU C 17 17.35 12.60 -2.97
C LEU C 17 16.46 11.74 -2.07
N ILE C 18 16.81 11.66 -0.78
CA ILE C 18 16.10 10.82 0.16
C ILE C 18 14.65 11.28 0.29
N ASP C 19 14.44 12.59 0.44
CA ASP C 19 13.13 13.11 0.77
C ASP C 19 12.23 13.14 -0.46
N LYS C 20 12.79 12.91 -1.65
CA LYS C 20 12.00 12.83 -2.86
C LYS C 20 11.34 11.47 -3.02
N TYR C 21 12.02 10.38 -2.64
CA TYR C 21 11.54 9.03 -2.93
C TYR C 21 11.02 8.34 -1.67
N THR C 22 11.46 8.73 -0.47
CA THR C 22 11.11 8.03 0.76
C THR C 22 9.83 8.61 1.36
N ARG C 23 8.90 7.74 1.79
CA ARG C 23 7.63 8.19 2.32
C ARG C 23 7.47 7.79 3.78
N PRO C 24 6.58 8.46 4.54
CA PRO C 24 6.26 8.04 5.90
C PRO C 24 5.95 6.55 6.03
N GLY C 25 6.53 5.91 7.05
CA GLY C 25 6.25 4.52 7.36
C GLY C 25 7.12 3.53 6.57
N ASP C 26 8.02 4.04 5.71
CA ASP C 26 8.82 3.20 4.83
C ASP C 26 9.82 2.39 5.67
N VAL C 27 10.12 1.19 5.18
CA VAL C 27 11.26 0.41 5.64
C VAL C 27 12.41 0.67 4.67
N VAL C 28 13.57 1.04 5.20
CA VAL C 28 14.68 1.45 4.37
C VAL C 28 15.85 0.50 4.58
N LEU C 29 16.42 0.00 3.49
CA LEU C 29 17.63 -0.79 3.54
C LEU C 29 18.77 0.02 2.95
N GLU C 30 19.73 0.41 3.79
CA GLU C 30 20.85 1.23 3.35
C GLU C 30 22.08 0.33 3.23
N LEU C 31 22.46 -0.02 2.00
CA LEU C 31 23.65 -0.82 1.76
C LEU C 31 24.88 0.08 1.79
N GLY C 32 25.94 -0.40 2.47
CA GLY C 32 27.17 0.36 2.63
C GLY C 32 26.91 1.67 3.38
N CYS C 33 26.24 1.57 4.52
CA CYS C 33 25.70 2.71 5.24
C CYS C 33 26.76 3.53 5.95
N GLY C 34 27.97 2.98 6.10
CA GLY C 34 29.07 3.69 6.74
C GLY C 34 28.73 3.98 8.21
N LYS C 35 29.00 5.22 8.64
CA LYS C 35 28.93 5.60 10.03
C LYS C 35 27.62 6.32 10.33
N GLY C 36 26.54 6.01 9.58
CA GLY C 36 25.22 6.56 9.85
C GLY C 36 25.18 8.06 9.58
N GLY C 37 25.85 8.47 8.50
CA GLY C 37 25.86 9.85 8.05
C GLY C 37 24.48 10.36 7.62
N ASP C 38 23.54 9.44 7.36
CA ASP C 38 22.27 9.81 6.75
C ASP C 38 21.08 9.56 7.67
N LEU C 39 21.30 9.37 8.98
CA LEU C 39 20.21 9.02 9.88
C LEU C 39 19.27 10.21 10.07
N ARG C 40 19.79 11.42 10.26
CA ARG C 40 18.94 12.61 10.39
C ARG C 40 18.01 12.75 9.19
N LYS C 41 18.49 12.37 8.00
CA LYS C 41 17.76 12.60 6.76
C LYS C 41 16.54 11.67 6.68
N TYR C 42 16.69 10.43 7.14
CA TYR C 42 15.57 9.49 7.13
C TYR C 42 14.52 9.90 8.19
N GLY C 43 14.97 10.59 9.26
CA GLY C 43 14.05 11.07 10.28
C GLY C 43 13.03 12.04 9.71
N ALA C 44 13.52 13.00 8.93
CA ALA C 44 12.69 14.01 8.28
C ALA C 44 11.63 13.35 7.41
N ALA C 45 11.98 12.20 6.81
CA ALA C 45 11.09 11.51 5.88
C ALA C 45 9.99 10.75 6.62
N GLY C 46 10.21 10.45 7.92
CA GLY C 46 9.23 9.81 8.78
C GLY C 46 9.16 8.28 8.64
N ILE C 47 10.31 7.63 8.44
CA ILE C 47 10.35 6.20 8.17
C ILE C 47 10.04 5.42 9.44
N SER C 48 9.82 4.10 9.30
CA SER C 48 9.53 3.21 10.42
C SER C 48 10.74 2.40 10.84
N GLN C 49 11.49 1.88 9.87
CA GLN C 49 12.61 1.01 10.18
C GLN C 49 13.75 1.33 9.22
N PHE C 50 14.97 1.40 9.77
CA PHE C 50 16.18 1.58 9.00
C PHE C 50 17.09 0.39 9.22
N ILE C 51 17.50 -0.25 8.13
CA ILE C 51 18.39 -1.40 8.20
C ILE C 51 19.70 -1.01 7.51
N GLY C 52 20.77 -0.88 8.29
CA GLY C 52 22.06 -0.49 7.73
C GLY C 52 23.00 -1.68 7.68
N ILE C 53 23.65 -1.89 6.53
CA ILE C 53 24.65 -2.93 6.42
C ILE C 53 25.93 -2.31 5.90
N ASP C 54 27.06 -2.68 6.51
CA ASP C 54 28.37 -2.20 6.07
C ASP C 54 29.38 -3.29 6.35
N ILE C 55 30.43 -3.36 5.53
CA ILE C 55 31.41 -4.44 5.64
C ILE C 55 32.38 -4.16 6.78
N SER C 56 32.49 -2.88 7.18
CA SER C 56 33.43 -2.45 8.22
C SER C 56 32.77 -2.46 9.60
N ASN C 57 33.25 -3.35 10.47
CA ASN C 57 32.77 -3.44 11.84
C ASN C 57 33.03 -2.12 12.57
N ALA C 58 34.17 -1.46 12.28
CA ALA C 58 34.50 -0.20 12.92
C ALA C 58 33.41 0.84 12.66
N SER C 59 32.98 0.93 11.39
CA SER C 59 31.98 1.90 10.96
C SER C 59 30.62 1.61 11.61
N ILE C 60 30.24 0.35 11.73
CA ILE C 60 28.96 -0.02 12.33
C ILE C 60 28.94 0.32 13.82
N GLN C 61 30.06 0.16 14.53
CA GLN C 61 30.12 0.53 15.93
C GLN C 61 29.89 2.03 16.09
N GLU C 62 30.51 2.79 15.18
CA GLU C 62 30.38 4.23 15.20
C GLU C 62 28.94 4.63 14.88
N ALA C 63 28.29 3.90 13.97
CA ALA C 63 26.90 4.17 13.61
C ALA C 63 26.00 3.98 14.83
N HIS C 64 26.28 2.93 15.61
CA HIS C 64 25.57 2.60 16.85
C HIS C 64 25.66 3.79 17.82
N LYS C 65 26.89 4.27 18.05
CA LYS C 65 27.14 5.43 18.90
C LYS C 65 26.40 6.68 18.42
N ARG C 66 26.46 6.95 17.11
CA ARG C 66 25.98 8.20 16.56
C ARG C 66 24.46 8.23 16.76
N TYR C 67 23.80 7.08 16.57
CA TYR C 67 22.36 6.96 16.68
C TYR C 67 21.89 7.15 18.12
N ARG C 68 22.67 6.66 19.09
CA ARG C 68 22.32 6.77 20.50
C ARG C 68 22.36 8.24 20.95
N SER C 69 23.31 9.02 20.45
CA SER C 69 23.45 10.41 20.85
C SER C 69 22.43 11.35 20.18
N MET C 70 21.51 10.83 19.36
CA MET C 70 20.57 11.66 18.62
C MET C 70 19.19 11.54 19.26
N ARG C 71 18.56 12.68 19.56
CA ARG C 71 17.24 12.70 20.16
C ARG C 71 16.25 13.17 19.11
N ASN C 72 15.00 12.70 19.19
CA ASN C 72 13.92 12.97 18.25
C ASN C 72 14.01 12.05 17.04
N LEU C 73 14.74 10.93 17.13
CA LEU C 73 14.73 9.90 16.09
C LEU C 73 13.77 8.77 16.48
N ASP C 74 12.64 8.71 15.77
CA ASP C 74 11.50 7.92 16.21
C ASP C 74 11.35 6.66 15.35
N TYR C 75 12.45 6.00 14.97
CA TYR C 75 12.34 4.81 14.13
C TYR C 75 13.29 3.73 14.65
N GLN C 76 12.95 2.48 14.37
CA GLN C 76 13.74 1.33 14.79
C GLN C 76 14.98 1.24 13.91
N VAL C 77 16.12 0.88 14.50
CA VAL C 77 17.35 0.80 13.74
C VAL C 77 17.95 -0.60 13.90
N VAL C 78 18.34 -1.18 12.77
CA VAL C 78 19.10 -2.41 12.76
C VAL C 78 20.39 -2.14 12.00
N LEU C 79 21.53 -2.36 12.66
CA LEU C 79 22.83 -2.19 12.03
C LEU C 79 23.54 -3.54 11.98
N ILE C 80 24.11 -3.85 10.82
CA ILE C 80 24.64 -5.17 10.56
C ILE C 80 25.99 -5.04 9.87
N THR C 81 26.97 -5.82 10.34
CA THR C 81 28.20 -6.02 9.62
C THR C 81 27.99 -7.13 8.60
N GLY C 82 28.26 -6.83 7.33
CA GLY C 82 28.10 -7.80 6.27
C GLY C 82 28.60 -7.28 4.93
N ASP C 83 28.69 -8.21 3.97
CA ASP C 83 29.10 -7.91 2.62
C ASP C 83 27.85 -7.96 1.73
N CYS C 84 27.45 -6.80 1.19
CA CYS C 84 26.23 -6.66 0.43
C CYS C 84 26.41 -6.96 -1.06
N PHE C 85 27.67 -7.11 -1.50
CA PHE C 85 28.01 -7.23 -2.90
C PHE C 85 28.64 -8.59 -3.19
N GLY C 86 29.53 -9.05 -2.32
CA GLY C 86 30.20 -10.33 -2.50
C GLY C 86 29.35 -11.52 -2.09
N GLU C 87 28.35 -11.32 -1.24
CA GLU C 87 27.60 -12.42 -0.63
C GLU C 87 26.10 -12.16 -0.81
N SER C 88 25.32 -13.24 -0.75
CA SER C 88 23.87 -13.17 -0.63
C SER C 88 23.50 -12.37 0.61
N LEU C 89 22.41 -11.61 0.54
CA LEU C 89 22.08 -10.71 1.63
C LEU C 89 21.48 -11.47 2.82
N GLY C 90 20.93 -12.66 2.55
CA GLY C 90 20.28 -13.46 3.59
C GLY C 90 21.26 -14.00 4.63
N VAL C 91 22.53 -14.13 4.22
CA VAL C 91 23.61 -14.51 5.12
C VAL C 91 23.71 -13.46 6.23
N ALA C 92 23.75 -12.18 5.83
CA ALA C 92 23.97 -11.08 6.75
C ALA C 92 22.77 -10.85 7.66
N VAL C 93 21.56 -11.08 7.14
CA VAL C 93 20.33 -10.70 7.83
C VAL C 93 19.76 -11.82 8.71
N GLU C 94 20.21 -13.09 8.56
CA GLU C 94 19.62 -14.20 9.28
C GLU C 94 19.61 -13.96 10.80
N PRO C 95 20.71 -13.47 11.42
CA PRO C 95 20.71 -13.22 12.87
C PRO C 95 19.81 -12.06 13.33
N PHE C 96 19.10 -11.41 12.41
CA PHE C 96 18.33 -10.21 12.69
C PHE C 96 16.90 -10.37 12.19
N PRO C 97 16.04 -11.11 12.94
CA PRO C 97 14.66 -11.35 12.52
C PRO C 97 13.76 -10.12 12.50
N ASP C 98 14.12 -9.08 13.28
CA ASP C 98 13.36 -7.84 13.36
C ASP C 98 13.17 -7.21 11.98
N CYS C 99 14.19 -7.31 11.10
CA CYS C 99 14.13 -6.78 9.75
C CYS C 99 12.82 -7.12 9.05
N ARG C 100 12.17 -6.12 8.45
CA ARG C 100 10.86 -6.28 7.82
C ARG C 100 10.97 -6.21 6.30
N PHE C 101 11.35 -7.34 5.69
CA PHE C 101 11.32 -7.49 4.25
C PHE C 101 10.00 -8.05 3.72
N PRO C 102 9.60 -7.78 2.46
CA PRO C 102 10.31 -6.86 1.58
C PRO C 102 10.12 -5.41 1.96
N CYS C 103 11.11 -4.58 1.65
CA CYS C 103 11.14 -3.18 2.07
C CYS C 103 10.73 -2.25 0.93
N ASP C 104 10.72 -0.94 1.20
CA ASP C 104 10.15 0.06 0.32
C ASP C 104 11.24 0.81 -0.44
N ILE C 105 12.42 0.91 0.18
CA ILE C 105 13.52 1.70 -0.32
C ILE C 105 14.81 0.91 -0.14
N VAL C 106 15.64 0.91 -1.18
CA VAL C 106 17.03 0.51 -1.03
C VAL C 106 17.90 1.67 -1.47
N SER C 107 18.86 2.05 -0.62
CA SER C 107 19.74 3.18 -0.91
C SER C 107 21.19 2.73 -0.93
N THR C 108 21.93 3.14 -1.97
CA THR C 108 23.39 2.99 -2.00
C THR C 108 24.03 4.36 -2.23
N GLN C 109 24.50 5.01 -1.17
CA GLN C 109 25.15 6.30 -1.29
C GLN C 109 26.67 6.13 -1.35
N PHE C 110 27.26 6.47 -2.50
CA PHE C 110 28.70 6.47 -2.70
C PHE C 110 29.32 5.11 -2.39
N CYS C 111 28.77 4.03 -2.95
CA CYS C 111 29.33 2.72 -2.66
C CYS C 111 29.14 1.70 -3.78
N LEU C 112 28.18 1.89 -4.67
CA LEU C 112 27.85 0.86 -5.65
C LEU C 112 29.03 0.63 -6.61
N HIS C 113 29.92 1.61 -6.72
CA HIS C 113 31.09 1.48 -7.57
C HIS C 113 32.09 0.46 -7.03
N TYR C 114 32.02 0.06 -5.75
CA TYR C 114 32.87 -1.01 -5.26
C TYR C 114 32.39 -2.35 -5.79
N ALA C 115 31.13 -2.43 -6.23
CA ALA C 115 30.55 -3.67 -6.72
C ALA C 115 30.89 -3.94 -8.19
N PHE C 116 31.43 -2.96 -8.90
CA PHE C 116 31.72 -3.17 -10.31
C PHE C 116 33.13 -3.71 -10.51
N GLU C 117 33.73 -4.24 -9.43
CA GLU C 117 35.02 -4.90 -9.52
C GLU C 117 34.94 -6.09 -10.48
N THR C 118 33.83 -6.83 -10.46
CA THR C 118 33.64 -7.96 -11.36
C THR C 118 32.18 -8.01 -11.78
N GLU C 119 31.89 -8.77 -12.85
CA GLU C 119 30.52 -8.96 -13.27
C GLU C 119 29.75 -9.75 -12.21
N GLU C 120 30.43 -10.72 -11.58
CA GLU C 120 29.79 -11.55 -10.57
C GLU C 120 29.34 -10.67 -9.40
N LYS C 121 30.21 -9.76 -8.95
CA LYS C 121 29.90 -8.89 -7.82
C LYS C 121 28.76 -7.94 -8.17
N ALA C 122 28.76 -7.39 -9.40
CA ALA C 122 27.75 -6.43 -9.80
C ALA C 122 26.38 -7.11 -9.87
N ARG C 123 26.33 -8.31 -10.45
CA ARG C 123 25.03 -9.01 -10.61
C ARG C 123 24.44 -9.32 -9.23
N ARG C 124 25.24 -9.93 -8.35
CA ARG C 124 24.76 -10.28 -6.99
C ARG C 124 24.20 -9.03 -6.31
N ALA C 125 25.00 -7.96 -6.24
CA ALA C 125 24.55 -6.70 -5.60
C ALA C 125 23.16 -6.32 -6.11
N LEU C 126 22.95 -6.38 -7.42
CA LEU C 126 21.69 -5.95 -7.99
C LEU C 126 20.60 -6.97 -7.73
N LEU C 127 20.93 -8.25 -7.75
CA LEU C 127 19.98 -9.27 -7.36
C LEU C 127 19.58 -9.09 -5.90
N ASN C 128 20.56 -8.75 -5.04
CA ASN C 128 20.30 -8.43 -3.64
C ASN C 128 19.31 -7.26 -3.52
N VAL C 129 19.49 -6.22 -4.32
CA VAL C 129 18.61 -5.06 -4.28
C VAL C 129 17.21 -5.49 -4.71
N ALA C 130 17.13 -6.19 -5.85
CA ALA C 130 15.85 -6.55 -6.44
C ALA C 130 15.09 -7.49 -5.52
N LYS C 131 15.77 -8.51 -4.98
CA LYS C 131 15.15 -9.46 -4.07
C LYS C 131 14.50 -8.76 -2.88
N SER C 132 15.09 -7.65 -2.41
CA SER C 132 14.71 -7.01 -1.16
C SER C 132 13.46 -6.15 -1.26
N LEU C 133 13.09 -5.71 -2.48
CA LEU C 133 12.11 -4.66 -2.66
C LEU C 133 10.71 -5.19 -2.91
N LYS C 134 9.71 -4.47 -2.42
CA LYS C 134 8.36 -4.66 -2.93
C LYS C 134 8.33 -4.17 -4.36
N ILE C 135 7.37 -4.71 -5.14
CA ILE C 135 7.01 -4.10 -6.40
C ILE C 135 6.47 -2.72 -6.07
N GLY C 136 6.95 -1.71 -6.82
CA GLY C 136 6.63 -0.33 -6.52
C GLY C 136 7.69 0.33 -5.64
N GLY C 137 8.60 -0.48 -5.08
CA GLY C 137 9.70 0.05 -4.29
C GLY C 137 10.74 0.76 -5.17
N HIS C 138 11.60 1.57 -4.53
CA HIS C 138 12.61 2.33 -5.25
C HIS C 138 14.00 1.95 -4.76
N PHE C 139 14.93 1.95 -5.71
CA PHE C 139 16.35 1.83 -5.45
C PHE C 139 17.02 3.10 -5.92
N PHE C 140 17.62 3.90 -5.01
CA PHE C 140 18.26 5.14 -5.42
C PHE C 140 19.65 5.23 -4.83
N GLY C 141 20.47 6.13 -5.39
CA GLY C 141 21.88 6.17 -5.03
C GLY C 141 22.68 7.28 -5.72
N THR C 142 23.96 7.32 -5.38
CA THR C 142 24.88 8.31 -5.89
C THR C 142 26.18 7.58 -6.24
N ILE C 143 26.65 7.81 -7.47
CA ILE C 143 27.88 7.19 -7.96
C ILE C 143 28.63 8.21 -8.79
N PRO C 144 29.93 7.99 -9.05
CA PRO C 144 30.63 8.79 -10.03
C PRO C 144 29.98 8.63 -11.40
N ASP C 145 29.87 9.76 -12.10
CA ASP C 145 29.22 9.81 -13.40
C ASP C 145 30.18 9.25 -14.45
N SER C 146 29.79 8.13 -15.05
CA SER C 146 30.60 7.53 -16.09
C SER C 146 30.71 8.48 -17.27
N GLU C 147 29.79 9.44 -17.45
CA GLU C 147 29.83 10.30 -18.62
C GLU C 147 30.85 11.42 -18.43
N PHE C 148 31.00 11.91 -17.19
CA PHE C 148 32.07 12.84 -16.87
C PHE C 148 33.42 12.15 -16.99
N ILE C 149 33.52 10.90 -16.53
CA ILE C 149 34.77 10.17 -16.57
C ILE C 149 35.18 9.93 -18.02
N ARG C 150 34.25 9.53 -18.87
CA ARG C 150 34.54 9.31 -20.27
C ARG C 150 34.97 10.61 -20.94
N TYR C 151 34.30 11.72 -20.60
CA TYR C 151 34.62 13.03 -21.15
C TYR C 151 36.09 13.38 -20.92
N LYS C 152 36.60 13.07 -19.72
CA LYS C 152 37.98 13.39 -19.39
C LYS C 152 38.94 12.39 -20.04
N LEU C 153 38.60 11.09 -19.97
CA LEU C 153 39.44 10.04 -20.51
C LEU C 153 39.70 10.26 -21.99
N ASN C 154 38.72 10.84 -22.69
CA ASN C 154 38.79 11.02 -24.13
C ASN C 154 39.83 12.06 -24.53
N LYS C 155 40.29 12.87 -23.56
CA LYS C 155 41.22 13.95 -23.86
C LYS C 155 42.68 13.50 -23.84
N PHE C 156 42.97 12.25 -23.46
CA PHE C 156 44.35 11.82 -23.28
C PHE C 156 44.87 11.15 -24.55
N PRO C 157 46.14 11.40 -24.94
CA PRO C 157 46.77 10.60 -25.99
C PRO C 157 47.05 9.18 -25.54
N LYS C 158 47.31 8.29 -26.51
CA LYS C 158 47.59 6.89 -26.23
C LYS C 158 48.87 6.71 -25.43
N GLU C 159 49.80 7.69 -25.49
CA GLU C 159 51.12 7.59 -24.91
C GLU C 159 51.10 7.52 -23.38
N VAL C 160 50.16 8.25 -22.76
CA VAL C 160 50.10 8.39 -21.31
C VAL C 160 49.69 7.05 -20.69
N GLU C 161 50.52 6.56 -19.77
CA GLU C 161 50.41 5.20 -19.27
C GLU C 161 49.32 5.10 -18.20
N LYS C 162 49.29 6.07 -17.28
CA LYS C 162 48.36 6.08 -16.15
C LYS C 162 47.61 7.42 -16.13
N PRO C 163 46.58 7.59 -16.98
CA PRO C 163 45.87 8.86 -17.09
C PRO C 163 45.34 9.37 -15.75
N SER C 164 45.54 10.66 -15.50
CA SER C 164 45.21 11.23 -14.21
C SER C 164 44.76 12.67 -14.39
N TRP C 165 43.76 13.07 -13.59
CA TRP C 165 43.35 14.46 -13.54
C TRP C 165 42.82 14.76 -12.14
N GLY C 166 42.69 16.06 -11.82
CA GLY C 166 42.20 16.48 -10.52
C GLY C 166 42.41 17.96 -10.24
N ASN C 167 42.29 18.34 -8.97
CA ASN C 167 42.53 19.71 -8.54
C ASN C 167 43.03 19.65 -7.09
N SER C 168 42.82 20.73 -6.32
CA SER C 168 43.41 20.85 -5.00
C SER C 168 42.77 19.87 -4.01
N ILE C 169 41.52 19.45 -4.24
CA ILE C 169 40.83 18.65 -3.23
C ILE C 169 40.54 17.22 -3.71
N TYR C 170 40.74 16.90 -5.01
CA TYR C 170 40.52 15.52 -5.43
C TYR C 170 41.45 15.17 -6.59
N ARG C 171 41.66 13.86 -6.76
CA ARG C 171 42.42 13.34 -7.88
C ARG C 171 42.01 11.90 -8.19
N VAL C 172 41.95 11.59 -9.49
CA VAL C 172 41.73 10.25 -9.96
C VAL C 172 42.93 9.85 -10.79
N THR C 173 43.41 8.60 -10.61
CA THR C 173 44.52 8.05 -11.38
C THR C 173 44.15 6.66 -11.88
N PHE C 174 44.11 6.49 -13.20
CA PHE C 174 43.75 5.20 -13.77
C PHE C 174 44.91 4.21 -13.69
N GLU C 175 44.56 2.93 -13.46
CA GLU C 175 45.54 1.86 -13.38
C GLU C 175 46.31 1.73 -14.70
N ASN C 176 45.61 1.67 -15.83
CA ASN C 176 46.26 1.50 -17.12
C ASN C 176 45.63 2.45 -18.14
N ASN C 177 46.01 2.30 -19.42
CA ASN C 177 45.50 3.12 -20.49
C ASN C 177 44.84 2.26 -21.55
N SER C 178 44.20 1.17 -21.15
CA SER C 178 43.56 0.28 -22.11
C SER C 178 42.39 0.97 -22.81
N TYR C 179 41.78 1.96 -22.14
CA TYR C 179 40.67 2.72 -22.69
C TYR C 179 41.10 3.44 -23.96
N GLN C 180 42.23 4.14 -23.89
CA GLN C 180 42.74 4.92 -25.01
C GLN C 180 43.23 3.97 -26.11
N LYS C 181 43.94 2.91 -25.73
CA LYS C 181 44.46 1.92 -26.66
C LYS C 181 43.33 1.12 -27.32
N ASN C 182 42.12 1.18 -26.78
CA ASN C 182 40.99 0.46 -27.34
C ASN C 182 40.04 1.45 -28.04
N ASP C 183 40.61 2.47 -28.71
CA ASP C 183 39.86 3.51 -29.42
C ASP C 183 38.79 4.17 -28.54
N TYR C 184 39.19 4.57 -27.34
CA TYR C 184 38.38 5.39 -26.44
C TYR C 184 37.08 4.69 -26.06
N GLU C 185 37.18 3.38 -25.77
CA GLU C 185 36.10 2.57 -25.23
C GLU C 185 36.69 1.64 -24.19
N PHE C 186 35.93 1.34 -23.12
CA PHE C 186 36.36 0.38 -22.14
C PHE C 186 36.40 -1.01 -22.78
N THR C 187 37.35 -1.85 -22.34
CA THR C 187 37.47 -3.21 -22.87
C THR C 187 36.34 -4.08 -22.32
N SER C 188 35.78 -3.68 -21.18
CA SER C 188 34.81 -4.43 -20.43
C SER C 188 34.05 -3.45 -19.53
N PRO C 189 32.78 -3.69 -19.16
CA PRO C 189 32.10 -2.85 -18.19
C PRO C 189 32.70 -2.92 -16.79
N TYR C 190 33.37 -4.02 -16.45
CA TYR C 190 33.72 -4.31 -15.08
C TYR C 190 35.23 -4.24 -14.90
N GLY C 191 35.67 -4.00 -13.66
CA GLY C 191 37.07 -4.07 -13.29
C GLY C 191 37.89 -2.86 -13.77
N GLN C 192 37.20 -1.77 -14.17
CA GLN C 192 37.89 -0.61 -14.70
C GLN C 192 38.33 0.29 -13.56
N MET C 193 39.56 0.05 -13.07
CA MET C 193 39.98 0.59 -11.79
C MET C 193 40.68 1.93 -11.95
N TYR C 194 40.41 2.82 -10.98
CA TYR C 194 41.17 4.05 -10.80
C TYR C 194 41.29 4.26 -9.29
N THR C 195 42.30 5.04 -8.90
CA THR C 195 42.55 5.36 -7.51
C THR C 195 41.94 6.72 -7.23
N TYR C 196 41.15 6.84 -6.18
CA TYR C 196 40.44 8.07 -5.87
C TYR C 196 41.05 8.70 -4.63
N TRP C 197 41.41 9.98 -4.73
CA TRP C 197 41.83 10.76 -3.58
C TRP C 197 40.85 11.89 -3.39
N LEU C 198 40.28 12.01 -2.18
CA LEU C 198 39.52 13.19 -1.79
C LEU C 198 40.05 13.69 -0.44
N GLU C 199 40.39 14.98 -0.37
CA GLU C 199 40.99 15.57 0.81
C GLU C 199 40.20 15.19 2.07
N ASP C 200 40.90 14.63 3.07
CA ASP C 200 40.37 14.37 4.39
C ASP C 200 39.25 13.33 4.38
N ALA C 201 39.17 12.45 3.38
CA ALA C 201 38.04 11.53 3.28
C ALA C 201 38.48 10.17 2.78
N ILE C 202 38.96 10.12 1.53
CA ILE C 202 39.43 8.87 0.92
C ILE C 202 40.91 9.04 0.63
N ASP C 203 41.72 8.05 1.04
CA ASP C 203 43.16 8.13 0.87
C ASP C 203 43.64 7.13 -0.19
N ASN C 204 43.51 7.50 -1.48
CA ASN C 204 44.03 6.75 -2.61
C ASN C 204 43.51 5.31 -2.58
N VAL C 205 42.18 5.16 -2.61
CA VAL C 205 41.55 3.85 -2.54
C VAL C 205 41.02 3.45 -3.91
N PRO C 206 41.27 2.20 -4.36
CA PRO C 206 40.76 1.72 -5.65
C PRO C 206 39.24 1.70 -5.75
N GLU C 207 38.72 2.23 -6.86
CA GLU C 207 37.31 2.24 -7.21
C GLU C 207 37.15 1.74 -8.63
N TYR C 208 35.90 1.52 -9.05
CA TYR C 208 35.64 1.04 -10.40
C TYR C 208 34.63 1.95 -11.09
N VAL C 209 34.80 2.09 -12.40
CA VAL C 209 33.86 2.87 -13.20
C VAL C 209 32.54 2.10 -13.23
N VAL C 210 31.42 2.85 -13.28
CA VAL C 210 30.11 2.24 -13.43
C VAL C 210 29.51 2.74 -14.73
N PRO C 211 29.76 2.07 -15.87
CA PRO C 211 29.13 2.49 -17.12
C PRO C 211 27.62 2.46 -16.95
N PHE C 212 27.00 3.63 -17.01
CA PHE C 212 25.61 3.77 -16.61
C PHE C 212 24.74 2.88 -17.49
N GLU C 213 25.11 2.73 -18.76
CA GLU C 213 24.36 1.88 -19.67
C GLU C 213 24.36 0.43 -19.16
N THR C 214 25.45 -0.02 -18.55
CA THR C 214 25.51 -1.38 -18.06
C THR C 214 24.68 -1.54 -16.78
N LEU C 215 24.77 -0.55 -15.89
CA LEU C 215 23.98 -0.56 -14.67
C LEU C 215 22.50 -0.66 -15.02
N ARG C 216 22.09 0.14 -16.02
CA ARG C 216 20.69 0.24 -16.39
C ARG C 216 20.20 -1.08 -16.99
N SER C 217 21.10 -1.76 -17.71
CA SER C 217 20.74 -2.96 -18.43
C SER C 217 20.71 -4.15 -17.48
N LEU C 218 21.64 -4.21 -16.52
CA LEU C 218 21.59 -5.20 -15.46
C LEU C 218 20.33 -5.00 -14.61
N ALA C 219 20.06 -3.76 -14.20
CA ALA C 219 18.90 -3.50 -13.37
C ALA C 219 17.63 -4.00 -14.05
N ASP C 220 17.54 -3.85 -15.38
CA ASP C 220 16.38 -4.27 -16.14
C ASP C 220 16.20 -5.79 -16.09
N GLU C 221 17.29 -6.54 -16.28
CA GLU C 221 17.27 -7.99 -16.16
C GLU C 221 16.63 -8.44 -14.83
N TYR C 222 16.83 -7.66 -13.76
CA TYR C 222 16.40 -8.05 -12.43
C TYR C 222 15.08 -7.37 -12.06
N GLY C 223 14.53 -6.58 -13.00
CA GLY C 223 13.16 -6.10 -12.88
C GLY C 223 13.06 -4.69 -12.32
N LEU C 224 14.14 -3.91 -12.43
CA LEU C 224 14.18 -2.52 -12.02
C LEU C 224 14.20 -1.61 -13.25
N GLU C 225 13.28 -0.65 -13.29
CA GLU C 225 13.17 0.32 -14.36
C GLU C 225 13.68 1.67 -13.89
N LEU C 226 14.53 2.31 -14.70
CA LEU C 226 15.09 3.60 -14.35
C LEU C 226 14.01 4.67 -14.42
N VAL C 227 13.91 5.51 -13.38
CA VAL C 227 12.95 6.59 -13.37
C VAL C 227 13.64 7.95 -13.29
N SER C 228 14.94 7.99 -12.92
CA SER C 228 15.65 9.24 -12.96
C SER C 228 17.16 9.03 -12.95
N GLN C 229 17.85 9.88 -13.71
CA GLN C 229 19.30 9.93 -13.73
C GLN C 229 19.70 11.36 -14.08
N MET C 230 20.39 12.04 -13.14
CA MET C 230 20.79 13.42 -13.28
C MET C 230 22.13 13.64 -12.59
N PRO C 231 23.07 14.40 -13.18
CA PRO C 231 24.28 14.76 -12.46
C PRO C 231 23.95 15.71 -11.32
N PHE C 232 24.83 15.75 -10.31
CA PHE C 232 24.55 16.52 -9.11
C PHE C 232 24.23 17.97 -9.46
N ASN C 233 24.97 18.56 -10.40
CA ASN C 233 24.80 19.98 -10.69
C ASN C 233 23.41 20.23 -11.24
N LYS C 234 22.92 19.35 -12.12
CA LYS C 234 21.59 19.52 -12.70
C LYS C 234 20.49 19.16 -11.69
N PHE C 235 20.74 18.14 -10.87
CA PHE C 235 19.79 17.74 -9.84
C PHE C 235 19.56 18.88 -8.86
N PHE C 236 20.65 19.53 -8.44
CA PHE C 236 20.59 20.56 -7.42
C PHE C 236 19.78 21.76 -7.89
N VAL C 237 19.99 22.20 -9.13
CA VAL C 237 19.29 23.36 -9.68
C VAL C 237 17.79 23.07 -9.77
N GLN C 238 17.44 21.81 -10.07
CA GLN C 238 16.05 21.42 -10.20
C GLN C 238 15.34 21.42 -8.84
N GLU C 239 16.03 20.97 -7.79
CA GLU C 239 15.40 20.70 -6.51
C GLU C 239 15.51 21.89 -5.56
N ILE C 240 16.52 22.75 -5.72
CA ILE C 240 16.83 23.77 -4.72
C ILE C 240 15.63 24.66 -4.41
N PRO C 241 14.74 25.02 -5.38
CA PRO C 241 13.59 25.89 -5.06
C PRO C 241 12.80 25.46 -3.81
N LYS C 242 12.58 24.16 -3.64
CA LYS C 242 11.72 23.70 -2.56
C LYS C 242 12.51 23.46 -1.27
N TRP C 243 13.79 23.89 -1.20
CA TRP C 243 14.61 23.61 -0.04
C TRP C 243 15.10 24.87 0.68
N ILE C 244 15.03 26.03 0.03
CA ILE C 244 15.64 27.23 0.59
C ILE C 244 14.98 27.54 1.93
N GLU C 245 13.66 27.36 2.01
CA GLU C 245 12.88 27.66 3.20
C GLU C 245 13.27 26.75 4.36
N ARG C 246 13.72 25.52 4.06
CA ARG C 246 13.94 24.49 5.05
C ARG C 246 15.35 24.55 5.64
N TYR C 247 16.28 25.17 4.92
CA TYR C 247 17.66 25.29 5.38
C TYR C 247 17.68 26.28 6.54
N SER C 248 18.40 25.93 7.61
CA SER C 248 18.73 26.83 8.69
C SER C 248 19.67 27.93 8.20
N PRO C 249 19.80 29.07 8.88
CA PRO C 249 20.64 30.18 8.43
C PRO C 249 22.10 29.81 8.14
N LYS C 250 22.66 28.93 8.96
CA LYS C 250 24.06 28.52 8.82
C LYS C 250 24.19 27.55 7.65
N MET C 251 23.24 26.60 7.53
CA MET C 251 23.16 25.69 6.39
C MET C 251 23.07 26.47 5.09
N ARG C 252 22.33 27.59 5.10
CA ARG C 252 22.18 28.43 3.92
C ARG C 252 23.54 28.98 3.49
N GLU C 253 24.35 29.45 4.46
CA GLU C 253 25.62 30.09 4.16
C GLU C 253 26.62 29.08 3.60
N GLY C 254 26.59 27.84 4.12
CA GLY C 254 27.47 26.77 3.67
C GLY C 254 27.13 26.24 2.26
N LEU C 255 26.02 26.69 1.66
CA LEU C 255 25.62 26.27 0.33
C LEU C 255 25.59 27.44 -0.63
N GLN C 256 26.10 28.59 -0.18
CA GLN C 256 26.06 29.81 -0.97
C GLN C 256 27.45 30.13 -1.49
N ARG C 257 27.51 30.64 -2.73
CA ARG C 257 28.71 31.20 -3.31
C ARG C 257 28.98 32.53 -2.62
N SER C 258 30.15 33.13 -2.90
CA SER C 258 30.52 34.39 -2.29
C SER C 258 29.63 35.54 -2.80
N ASP C 259 28.94 35.35 -3.93
CA ASP C 259 27.98 36.33 -4.43
C ASP C 259 26.59 36.16 -3.79
N GLY C 260 26.33 35.03 -3.10
CA GLY C 260 25.09 34.83 -2.36
C GLY C 260 24.09 33.93 -3.08
N ARG C 261 24.34 33.60 -4.37
CA ARG C 261 23.56 32.61 -5.10
C ARG C 261 23.88 31.22 -4.53
N TYR C 262 22.95 30.27 -4.69
CA TYR C 262 23.12 28.92 -4.18
C TYR C 262 23.88 28.07 -5.18
N GLY C 263 24.88 27.32 -4.69
CA GLY C 263 25.64 26.42 -5.53
C GLY C 263 27.11 26.34 -5.10
N VAL C 264 27.91 25.77 -6.00
CA VAL C 264 29.32 25.56 -5.74
C VAL C 264 30.13 26.24 -6.84
N GLU C 265 31.31 26.74 -6.45
CA GLU C 265 32.26 27.35 -7.36
C GLU C 265 33.66 26.83 -7.03
N GLY C 266 34.64 27.10 -7.89
CA GLY C 266 36.01 26.71 -7.63
C GLY C 266 36.20 25.21 -7.82
N ASP C 267 37.00 24.62 -6.92
CA ASP C 267 37.44 23.25 -7.08
C ASP C 267 36.32 22.28 -6.73
N GLU C 268 35.43 22.68 -5.81
CA GLU C 268 34.27 21.90 -5.44
C GLU C 268 33.35 21.66 -6.63
N LYS C 269 33.24 22.66 -7.53
CA LYS C 269 32.31 22.59 -8.64
C LYS C 269 32.53 21.27 -9.40
N GLU C 270 33.80 20.98 -9.72
CA GLU C 270 34.12 19.78 -10.47
C GLU C 270 34.05 18.56 -9.56
N ALA C 271 34.66 18.66 -8.36
CA ALA C 271 34.83 17.53 -7.47
C ALA C 271 33.49 16.98 -6.96
N ALA C 272 32.49 17.86 -6.83
CA ALA C 272 31.19 17.51 -6.29
C ALA C 272 30.14 17.48 -7.39
N SER C 273 29.99 18.58 -8.13
CA SER C 273 28.77 18.76 -8.91
C SER C 273 28.87 18.09 -10.28
N TYR C 274 30.08 17.89 -10.82
CA TYR C 274 30.23 17.31 -12.15
C TYR C 274 30.56 15.83 -12.08
N PHE C 275 31.36 15.46 -11.08
CA PHE C 275 31.93 14.13 -10.98
C PHE C 275 30.89 13.09 -10.58
N PHE C 276 29.79 13.50 -9.93
CA PHE C 276 28.81 12.56 -9.40
C PHE C 276 27.46 12.68 -10.09
N THR C 277 26.77 11.53 -10.17
CA THR C 277 25.38 11.45 -10.62
C THR C 277 24.52 10.83 -9.52
N MET C 278 23.25 11.21 -9.47
CA MET C 278 22.28 10.44 -8.71
C MET C 278 21.53 9.54 -9.69
N PHE C 279 20.79 8.57 -9.15
CA PHE C 279 19.92 7.74 -9.95
C PHE C 279 18.78 7.20 -9.09
N ALA C 280 17.73 6.71 -9.76
CA ALA C 280 16.60 6.13 -9.05
C ALA C 280 15.92 5.13 -9.97
N PHE C 281 15.64 3.93 -9.44
CA PHE C 281 14.93 2.89 -10.16
C PHE C 281 13.68 2.48 -9.38
N ARG C 282 12.66 1.98 -10.11
CA ARG C 282 11.48 1.41 -9.49
C ARG C 282 11.43 -0.07 -9.83
N LYS C 283 11.19 -0.93 -8.85
CA LYS C 283 10.95 -2.34 -9.12
C LYS C 283 9.57 -2.50 -9.76
N VAL C 284 9.55 -3.14 -10.94
CA VAL C 284 8.31 -3.30 -11.70
C VAL C 284 7.92 -4.78 -11.84
N LYS C 285 8.89 -5.69 -11.70
CA LYS C 285 8.64 -7.11 -11.84
C LYS C 285 9.41 -7.91 -10.80
N GLN C 286 8.86 -9.08 -10.47
CA GLN C 286 9.56 -10.04 -9.63
C GLN C 286 10.46 -10.91 -10.51
N TYR C 287 11.75 -10.91 -10.22
CA TYR C 287 12.71 -11.69 -10.99
C TYR C 287 12.60 -13.17 -10.68
N ILE C 288 12.56 -13.99 -11.75
CA ILE C 288 12.67 -15.43 -11.64
C ILE C 288 13.85 -15.88 -12.49
N GLU C 289 14.76 -16.65 -11.86
CA GLU C 289 16.03 -17.02 -12.47
C GLU C 289 15.77 -17.94 -13.68
N PRO C 290 16.48 -17.72 -14.82
CA PRO C 290 16.44 -18.65 -15.95
C PRO C 290 16.64 -20.12 -15.57
N GLU C 291 15.79 -20.98 -16.15
CA GLU C 291 15.85 -22.43 -16.03
C GLU C 291 15.67 -22.89 -14.60
N SER C 292 14.96 -22.12 -13.79
CA SER C 292 14.83 -22.43 -12.37
C SER C 292 13.48 -23.09 -12.07
N VAL C 293 12.53 -23.01 -13.00
CA VAL C 293 11.19 -23.55 -12.82
C VAL C 293 11.14 -24.98 -13.32
N LYS C 294 10.97 -25.92 -12.36
CA LYS C 294 11.10 -27.36 -12.59
C LYS C 294 9.75 -28.06 -12.46
N PRO C 295 9.58 -29.31 -12.96
CA PRO C 295 8.37 -30.08 -12.66
C PRO C 295 8.44 -30.76 -11.30
N SFG D . -16.49 12.41 18.63
CA SFG D . -17.64 12.37 19.57
C SFG D . -18.95 12.67 18.83
O SFG D . -19.88 13.21 19.47
OXT SFG D . -18.98 12.37 17.61
CB SFG D . -17.40 13.34 20.73
CG SFG D . -17.32 14.80 20.32
CD SFG D . -17.46 15.79 21.47
NE SFG D . -18.48 16.82 21.11
C5' SFG D . -16.18 16.57 21.78
C4' SFG D . -15.09 15.80 22.48
O4' SFG D . -13.82 16.45 22.26
C3' SFG D . -15.29 15.71 24.00
O3' SFG D . -15.29 14.34 24.39
C2' SFG D . -14.13 16.54 24.57
O2' SFG D . -13.66 16.07 25.81
C1' SFG D . -13.09 16.37 23.46
N9 SFG D . -12.01 17.35 23.47
C8 SFG D . -12.07 18.71 23.68
N7 SFG D . -10.89 19.29 23.66
C5 SFG D . -10.00 18.24 23.44
C6 SFG D . -8.60 18.18 23.34
N6 SFG D . -7.80 19.24 23.43
N1 SFG D . -8.04 16.97 23.11
C2 SFG D . -8.83 15.90 23.03
N3 SFG D . -10.15 15.84 23.12
C4 SFG D . -10.69 17.05 23.32
PG GTP E . -27.39 8.64 19.93
O1G GTP E . -27.34 9.26 18.55
O2G GTP E . -26.77 7.25 19.96
O3G GTP E . -28.79 8.69 20.53
O3B GTP E . -26.46 9.60 20.85
PB GTP E . -25.00 10.25 20.65
O1B GTP E . -24.23 9.94 21.87
O2B GTP E . -24.49 9.82 19.33
O3A GTP E . -25.37 11.83 20.58
PA GTP E . -25.57 13.10 21.56
O1A GTP E . -27.00 13.28 21.89
O2A GTP E . -24.65 12.99 22.73
O5' GTP E . -25.10 14.33 20.65
C5' GTP E . -26.04 14.76 19.63
C4' GTP E . -25.42 15.79 18.70
O4' GTP E . -24.58 16.71 19.44
C3' GTP E . -24.48 15.27 17.61
O3' GTP E . -25.20 14.63 16.55
C2' GTP E . -23.77 16.56 17.19
O2' GTP E . -24.43 17.24 16.15
C1' GTP E . -23.83 17.42 18.45
N9 GTP E . -22.51 17.73 19.02
C8 GTP E . -21.76 16.88 19.80
N7 GTP E . -20.64 17.41 20.21
C5 GTP E . -20.66 18.70 19.69
C6 GTP E . -19.70 19.74 19.80
O6 GTP E . -18.63 19.73 20.43
N1 GTP E . -20.10 20.89 19.12
C2 GTP E . -21.26 21.02 18.40
N2 GTP E . -21.48 22.21 17.80
N3 GTP E . -22.17 20.04 18.29
C4 GTP E . -21.80 18.92 18.95
C1 EDO F . -1.74 33.35 19.76
O1 EDO F . -1.47 31.95 19.60
C2 EDO F . -3.18 33.72 20.05
O2 EDO F . -4.05 33.73 18.92
S SO4 G . -32.66 39.27 6.63
O1 SO4 G . -31.48 39.38 5.79
O2 SO4 G . -33.75 40.01 6.04
O3 SO4 G . -33.05 37.87 6.76
O4 SO4 G . -32.36 39.81 7.94
S SO4 H . -32.95 32.75 7.21
O1 SO4 H . -32.86 33.24 5.86
O2 SO4 H . -34.20 32.07 7.42
O3 SO4 H . -31.86 31.83 7.45
O4 SO4 H . -32.86 33.85 8.15
S SO4 I . -34.10 34.67 18.02
O1 SO4 I . -33.05 35.32 17.29
O2 SO4 I . -35.33 35.40 17.89
O3 SO4 I . -34.27 33.34 17.51
O4 SO4 I . -33.74 34.64 19.43
S SO4 J . -9.51 11.25 -2.90
O1 SO4 J . -9.72 12.24 -3.92
O2 SO4 J . -10.53 11.35 -1.89
O3 SO4 J . -9.57 9.93 -3.47
O4 SO4 J . -8.21 11.45 -2.30
N SFG K . -6.44 -26.78 -5.12
CA SFG K . -5.83 -28.10 -5.43
C SFG K . -5.18 -28.04 -6.82
O SFG K . -5.44 -28.97 -7.62
OXT SFG K . -4.42 -27.08 -7.04
CB SFG K . -6.86 -29.23 -5.28
CG SFG K . -8.22 -28.96 -5.88
CD SFG K . -9.22 -30.11 -5.68
NE SFG K . -9.66 -30.60 -7.01
C5' SFG K . -10.46 -29.74 -4.89
C4' SFG K . -10.29 -29.57 -3.39
O4' SFG K . -11.41 -28.83 -2.87
C3' SFG K . -10.22 -30.89 -2.61
O3' SFG K . -8.99 -30.99 -1.90
C2' SFG K . -11.44 -30.83 -1.68
O2' SFG K . -11.18 -31.39 -0.42
C1' SFG K . -11.68 -29.33 -1.58
N9 SFG K . -13.04 -28.95 -1.21
C8 SFG K . -14.22 -29.41 -1.74
N7 SFG K . -15.29 -28.86 -1.19
C5 SFG K . -14.77 -27.98 -0.24
C6 SFG K . -15.37 -27.11 0.68
N6 SFG K . -16.70 -26.96 0.81
N1 SFG K . -14.57 -26.38 1.48
C2 SFG K . -13.25 -26.52 1.36
N3 SFG K . -12.56 -27.32 0.54
C4 SFG K . -13.39 -28.03 -0.24
PG GTP L . 0.08 -32.42 -6.90
O1G GTP L . 1.42 -31.84 -7.33
O2G GTP L . -0.61 -31.59 -5.81
O3G GTP L . 0.15 -33.90 -6.51
O3B GTP L . -0.82 -32.36 -8.25
PB GTP L . -0.61 -32.42 -9.84
O1B GTP L . -0.47 -31.00 -10.28
O2B GTP L . 0.43 -33.39 -10.22
O3A GTP L . -2.04 -32.96 -10.33
PA GTP L . -3.29 -33.90 -9.86
O1A GTP L . -3.55 -33.78 -8.40
O2A GTP L . -3.13 -35.28 -10.39
O5' GTP L . -4.53 -33.22 -10.62
C5' GTP L . -4.57 -33.37 -12.06
C4' GTP L . -5.59 -32.43 -12.68
O4' GTP L . -6.91 -32.74 -12.19
C3' GTP L . -5.46 -30.95 -12.37
O3' GTP L . -4.40 -30.32 -13.09
C2' GTP L . -6.84 -30.43 -12.78
O2' GTP L . -6.91 -30.10 -14.15
C1' GTP L . -7.75 -31.64 -12.54
N9 GTP L . -8.72 -31.47 -11.46
C8 GTP L . -8.42 -31.58 -10.13
N7 GTP L . -9.44 -31.43 -9.34
C5 GTP L . -10.51 -31.22 -10.21
C6 GTP L . -11.88 -31.01 -9.94
O6 GTP L . -12.45 -30.96 -8.83
N1 GTP L . -12.63 -30.85 -11.10
C2 GTP L . -12.12 -30.88 -12.39
N2 GTP L . -13.01 -30.70 -13.39
N3 GTP L . -10.83 -31.08 -12.64
C4 GTP L . -10.08 -31.24 -11.52
C1 EDO M . -30.88 -23.04 -2.45
O1 EDO M . -29.95 -22.04 -2.02
C2 EDO M . -31.45 -22.87 -3.83
O2 EDO M . -30.60 -23.28 -4.90
C1 EDO N . -6.96 -23.41 -30.70
O1 EDO N . -5.96 -23.63 -29.73
C2 EDO N . -6.68 -24.15 -31.93
O2 EDO N . -7.52 -23.73 -32.97
S SO4 O . -16.15 -30.71 -31.43
O1 SO4 O . -16.45 -29.38 -31.91
O2 SO4 O . -17.33 -31.53 -31.55
O3 SO4 O . -15.09 -31.26 -32.24
O4 SO4 O . -15.74 -30.66 -30.05
S SO4 P . -18.27 -39.76 -26.69
O1 SO4 P . -17.27 -39.51 -25.68
O2 SO4 P . -18.70 -38.49 -27.23
O3 SO4 P . -17.69 -40.55 -27.73
O4 SO4 P . -19.40 -40.45 -26.12
S SO4 Q . 2.85 -26.50 12.16
O1 SO4 Q . 2.85 -26.14 10.78
O2 SO4 Q . 1.60 -27.10 12.50
O3 SO4 Q . 3.92 -27.43 12.40
O4 SO4 Q . 3.06 -25.33 12.96
S SO4 R . -5.55 -5.23 -12.53
O1 SO4 R . -5.05 -4.04 -13.14
O2 SO4 R . -6.40 -5.92 -13.45
O3 SO4 R . -4.45 -6.10 -12.15
O4 SO4 R . -6.29 -4.88 -11.34
N SFG S . 26.87 5.53 2.75
CA SFG S . 28.06 6.30 3.21
C SFG S . 27.68 7.80 3.29
O SFG S . 27.50 8.29 4.43
OXT SFG S . 27.59 8.42 2.21
CB SFG S . 29.24 6.04 2.28
CG SFG S . 30.49 5.54 2.98
CD SFG S . 31.59 5.04 2.06
NE SFG S . 31.83 6.07 1.00
C5' SFG S . 31.28 3.70 1.39
C4' SFG S . 31.01 2.55 2.33
O4' SFG S . 30.84 1.33 1.57
C3' SFG S . 32.15 2.28 3.33
O3' SFG S . 31.65 2.38 4.65
C2' SFG S . 32.60 0.86 2.99
O2' SFG S . 32.99 0.13 4.14
C1' SFG S . 31.33 0.29 2.38
N9 SFG S . 31.50 -0.90 1.57
C8 SFG S . 32.43 -1.16 0.59
N7 SFG S . 32.30 -2.34 0.05
C5 SFG S . 31.21 -2.90 0.70
C6 SFG S . 30.55 -4.15 0.59
N6 SFG S . 30.91 -5.11 -0.25
N1 SFG S . 29.51 -4.39 1.40
C2 SFG S . 29.14 -3.43 2.26
N3 SFG S . 29.67 -2.22 2.45
C4 SFG S . 30.71 -2.02 1.63
PG GTP T . 29.67 12.06 8.54
O1G GTP T . 28.90 10.97 7.82
O2G GTP T . 30.77 11.50 9.45
O3G GTP T . 28.73 13.01 9.27
O3B GTP T . 30.49 12.94 7.44
PB GTP T . 30.18 13.97 6.25
O1B GTP T . 28.75 13.79 5.91
O2B GTP T . 30.65 15.31 6.68
O3A GTP T . 31.08 13.40 5.03
PA GTP T . 32.54 12.74 4.65
O1A GTP T . 33.62 13.73 4.91
O2A GTP T . 32.74 11.41 5.28
O5' GTP T . 32.43 12.49 3.07
C5' GTP T . 32.89 13.55 2.20
C4' GTP T . 32.58 13.20 0.76
O4' GTP T . 33.35 12.05 0.35
C3' GTP T . 31.15 12.78 0.44
O3' GTP T . 30.28 13.91 0.45
C2' GTP T . 31.33 12.09 -0.92
O2' GTP T . 31.32 12.93 -2.04
C1' GTP T . 32.76 11.53 -0.83
N9 GTP T . 32.89 10.08 -0.80
C8 GTP T . 32.76 9.29 0.32
N7 GTP T . 32.98 8.02 0.10
C5 GTP T . 33.29 7.96 -1.26
C6 GTP T . 33.62 6.84 -2.08
O6 GTP T . 33.74 5.65 -1.73
N1 GTP T . 33.87 7.22 -3.39
C2 GTP T . 33.79 8.49 -3.88
N2 GTP T . 34.07 8.66 -5.19
N3 GTP T . 33.47 9.55 -3.13
C4 GTP T . 33.24 9.22 -1.83
C1 EDO U . 34.24 -11.15 -14.75
O1 EDO U . 34.45 -9.74 -14.64
C2 EDO U . 34.36 -11.89 -13.44
O2 EDO U . 33.13 -12.02 -12.70
S SO4 V . 14.85 12.57 -15.04
O1 SO4 V . 15.40 13.90 -14.94
O2 SO4 V . 13.92 12.52 -16.14
O3 SO4 V . 15.92 11.61 -15.25
O4 SO4 V . 14.13 12.27 -13.81
S SO4 W . 40.53 19.46 -24.68
O1 SO4 W . 40.85 20.67 -25.39
O2 SO4 W . 39.86 18.50 -25.55
O3 SO4 W . 41.76 18.86 -24.19
O4 SO4 W . 39.68 19.78 -23.58
S SO4 X . 37.17 20.83 -18.93
O1 SO4 X . 37.61 22.15 -18.56
O2 SO4 X . 36.61 20.88 -20.25
O3 SO4 X . 38.29 19.92 -18.87
O4 SO4 X . 36.16 20.35 -18.01
S SO4 Y . 46.33 17.57 -13.76
O1 SO4 Y . 47.37 18.40 -14.30
O2 SO4 Y . 45.20 17.51 -14.67
O3 SO4 Y . 46.85 16.25 -13.54
O4 SO4 Y . 45.87 18.13 -12.50
S SO4 Z . 8.28 7.09 -9.81
O1 SO4 Z . 8.80 7.58 -11.07
O2 SO4 Z . 6.88 7.38 -9.73
O3 SO4 Z . 8.47 5.67 -9.73
O4 SO4 Z . 8.96 7.76 -8.72
#